data_8ZQ2
#
_entry.id   8ZQ2
#
_cell.length_a   58.188
_cell.length_b   80.167
_cell.length_c   162.820
_cell.angle_alpha   90.000
_cell.angle_beta   90.000
_cell.angle_gamma   90.000
#
_symmetry.space_group_name_H-M   'P 21 21 21'
#
loop_
_entity.id
_entity.type
_entity.pdbx_description
1 polymer "3',5'-cyclic-AMP phosphodiesterase 4D"
2 non-polymer 'ZINC ION'
3 non-polymer 'MAGNESIUM ION'
4 non-polymer (3~{Z})-3-[(3-ethoxy-4-methoxy-phenyl)methylidene]-6-oxidanyl-1-benzofuran-2-one
5 water water
#
_entity_poly.entity_id   1
_entity_poly.type   'polypeptide(L)'
_entity_poly.pdbx_seq_one_letter_code
;MASNKFKRMLNRELTHLSEMSRSGNQVSEFISNTFLDKQHEVEIPSPTQKEKEKKKRPMSQISGVKKLMHSSSLTNSSIP
RFGVKTEQEDVLAKELEDVNKWGLHVFRIAELSGNRPLTVIMHTIFQERDLLKTFKIPVDTLITYLMTLEDHYHADVAYH
NNIHAADVVQSTHVLLSTPALEAVFTDLEILAAIFASAIHDVDHPGVSNQFLINTNSELALMYNDSSVLENHHLAVGFKL
LQEENCDIFQNLTKKQRQSLRKMVIDIVLATDMSKHMNLLADLKTMVETKKVTSSGVLLLDNYSDRIQVLQNMVHCADLS
NPTKPLQLYRQWTDRIMEEFFRQGDRERERGMEISPMCDKHNASVEKSQVGFIDYIVHPLWETWADLVHPDAQDILDTLE
DNREWYQSTIPQSPSPAPDDPEEGRQGQTEKFQFELTLEEDGESDTEKDSGSQVEEDTSCSDSKTLCTQDSESTEIPLDE
QVEEEAVGEEEESQPEACVIDDRSPD
;
_entity_poly.pdbx_strand_id   A,B
#
loop_
_chem_comp.id
_chem_comp.type
_chem_comp.name
_chem_comp.formula
A1D8O non-polymer (3~{Z})-3-[(3-ethoxy-4-methoxy-phenyl)methylidene]-6-oxidanyl-1-benzofuran-2-one 'C18 H16 O5'
MG non-polymer 'MAGNESIUM ION' 'Mg 2'
ZN non-polymer 'ZINC ION' 'Zn 2'
#
# COMPACT_ATOMS: atom_id res chain seq x y z
N GLU A 87 10.21 11.69 -46.35
CA GLU A 87 9.03 11.04 -45.81
C GLU A 87 8.82 11.48 -44.37
N GLN A 88 7.58 11.34 -43.87
CA GLN A 88 7.30 11.71 -42.49
C GLN A 88 8.16 10.93 -41.51
N GLU A 89 8.59 9.73 -41.89
CA GLU A 89 9.49 8.93 -41.08
C GLU A 89 10.94 9.41 -41.12
N ASP A 90 11.36 10.05 -42.21
CA ASP A 90 12.69 10.66 -42.23
C ASP A 90 12.79 11.76 -41.17
N VAL A 91 11.75 12.58 -41.05
CA VAL A 91 11.74 13.64 -40.05
C VAL A 91 11.69 13.06 -38.65
N LEU A 92 10.90 12.02 -38.44
CA LEU A 92 10.84 11.37 -37.13
C LEU A 92 12.20 10.83 -36.72
N ALA A 93 12.86 10.10 -37.64
CA ALA A 93 14.18 9.55 -37.34
C ALA A 93 15.18 10.66 -37.03
N LYS A 94 15.09 11.78 -37.74
CA LYS A 94 15.96 12.91 -37.46
C LYS A 94 15.72 13.46 -36.05
N GLU A 95 14.44 13.62 -35.68
CA GLU A 95 14.12 14.11 -34.35
C GLU A 95 14.57 13.13 -33.26
N LEU A 96 14.54 11.83 -33.56
CA LEU A 96 14.95 10.83 -32.58
C LEU A 96 16.46 10.79 -32.38
N GLU A 97 17.23 11.49 -33.21
CA GLU A 97 18.66 11.62 -32.95
C GLU A 97 18.97 12.46 -31.72
N ASP A 98 17.98 13.17 -31.19
CA ASP A 98 18.14 13.98 -29.99
C ASP A 98 17.76 13.24 -28.71
N VAL A 99 17.58 11.93 -28.77
CA VAL A 99 17.03 11.17 -27.65
C VAL A 99 17.93 11.24 -26.41
N ASN A 100 19.22 11.54 -26.59
CA ASN A 100 20.14 11.68 -25.48
C ASN A 100 20.21 13.10 -24.94
N LYS A 101 19.41 14.02 -25.48
CA LYS A 101 19.50 15.43 -25.13
C LYS A 101 18.31 15.87 -24.28
N TRP A 102 18.60 16.63 -23.24
CA TRP A 102 17.58 17.36 -22.51
C TRP A 102 16.87 18.32 -23.47
N GLY A 103 15.55 18.35 -23.42
CA GLY A 103 14.81 19.23 -24.30
C GLY A 103 14.56 18.67 -25.68
N LEU A 104 14.75 17.37 -25.89
CA LEU A 104 14.16 16.67 -27.03
C LEU A 104 12.74 17.18 -27.25
N HIS A 105 12.37 17.40 -28.51
CA HIS A 105 11.02 17.89 -28.76
C HIS A 105 10.04 16.72 -28.79
N VAL A 106 9.61 16.32 -27.60
CA VAL A 106 8.73 15.17 -27.46
C VAL A 106 7.37 15.42 -28.12
N PHE A 107 6.93 16.67 -28.21
CA PHE A 107 5.62 16.94 -28.81
C PHE A 107 5.65 16.76 -30.32
N ARG A 108 6.73 17.20 -30.97
CA ARG A 108 6.87 16.92 -32.40
C ARG A 108 6.95 15.42 -32.65
N ILE A 109 7.72 14.71 -31.82
CA ILE A 109 7.83 13.26 -31.95
C ILE A 109 6.47 12.61 -31.79
N ALA A 110 5.63 13.17 -30.91
CA ALA A 110 4.28 12.64 -30.74
C ALA A 110 3.49 12.74 -32.03
N GLU A 111 3.56 13.89 -32.71
CA GLU A 111 2.86 14.06 -33.98
C GLU A 111 3.48 13.19 -35.06
N LEU A 112 4.80 13.25 -35.20
CA LEU A 112 5.49 12.55 -36.28
C LEU A 112 5.33 11.03 -36.20
N SER A 113 5.04 10.50 -35.02
CA SER A 113 4.91 9.07 -34.82
C SER A 113 3.48 8.58 -34.86
N GLY A 114 2.54 9.43 -35.27
CA GLY A 114 1.14 9.05 -35.23
C GLY A 114 0.62 8.85 -33.82
N ASN A 115 0.97 9.77 -32.90
CA ASN A 115 0.62 9.67 -31.49
C ASN A 115 1.18 8.40 -30.86
N ARG A 116 2.41 8.06 -31.22
CA ARG A 116 3.10 6.96 -30.55
C ARG A 116 4.43 7.41 -29.97
N PRO A 117 4.50 8.52 -29.21
CA PRO A 117 5.80 8.94 -28.69
C PRO A 117 6.39 7.95 -27.71
N LEU A 118 5.57 7.29 -26.90
CA LEU A 118 6.10 6.35 -25.91
C LEU A 118 6.71 5.13 -26.59
N THR A 119 6.01 4.58 -27.59
CA THR A 119 6.54 3.40 -28.28
C THR A 119 7.87 3.71 -28.96
N VAL A 120 7.91 4.78 -29.76
CA VAL A 120 9.10 5.05 -30.56
C VAL A 120 10.26 5.50 -29.69
N ILE A 121 9.99 6.25 -28.62
CA ILE A 121 11.08 6.72 -27.77
C ILE A 121 11.63 5.58 -26.93
N MET A 122 10.75 4.73 -26.39
CA MET A 122 11.21 3.55 -25.66
C MET A 122 12.01 2.63 -26.57
N HIS A 123 11.50 2.37 -27.78
CA HIS A 123 12.22 1.53 -28.73
C HIS A 123 13.58 2.11 -29.06
N THR A 124 13.63 3.43 -29.33
CA THR A 124 14.90 4.08 -29.61
C THR A 124 15.87 3.93 -28.45
N ILE A 125 15.38 4.11 -27.22
CA ILE A 125 16.26 4.05 -26.05
C ILE A 125 16.74 2.64 -25.80
N PHE A 126 15.85 1.64 -25.95
CA PHE A 126 16.27 0.25 -25.78
C PHE A 126 17.33 -0.13 -26.80
N GLN A 127 17.18 0.32 -28.06
CA GLN A 127 18.22 0.11 -29.06
C GLN A 127 19.50 0.85 -28.68
N GLU A 128 19.37 2.11 -28.25
CA GLU A 128 20.53 2.92 -27.92
C GLU A 128 21.34 2.29 -26.79
N ARG A 129 20.65 1.68 -25.81
CA ARG A 129 21.32 1.13 -24.64
C ARG A 129 21.63 -0.37 -24.75
N ASP A 130 21.58 -0.97 -25.95
CA ASP A 130 21.89 -2.39 -26.14
C ASP A 130 20.89 -3.33 -25.43
N LEU A 131 19.69 -2.85 -25.06
CA LEU A 131 18.89 -3.55 -24.05
C LEU A 131 18.18 -4.80 -24.57
N LEU A 132 17.66 -4.77 -25.81
CA LEU A 132 17.08 -5.98 -26.38
C LEU A 132 18.09 -7.11 -26.45
N LYS A 133 19.35 -6.79 -26.75
CA LYS A 133 20.36 -7.85 -26.76
C LYS A 133 20.73 -8.28 -25.36
N THR A 134 20.93 -7.31 -24.46
CA THR A 134 21.35 -7.64 -23.10
C THR A 134 20.34 -8.56 -22.42
N PHE A 135 19.04 -8.32 -22.63
CA PHE A 135 17.99 -9.07 -21.95
C PHE A 135 17.19 -9.96 -22.90
N LYS A 136 17.68 -10.17 -24.12
CA LYS A 136 17.07 -11.10 -25.08
C LYS A 136 15.60 -10.79 -25.29
N ILE A 137 15.30 -9.51 -25.49
CA ILE A 137 13.95 -9.03 -25.71
C ILE A 137 13.66 -9.14 -27.21
N PRO A 138 12.71 -9.98 -27.63
CA PRO A 138 12.32 -9.98 -29.05
C PRO A 138 11.75 -8.63 -29.43
N VAL A 139 12.17 -8.14 -30.61
CA VAL A 139 11.79 -6.79 -31.02
C VAL A 139 10.28 -6.70 -31.21
N ASP A 140 9.66 -7.77 -31.69
CA ASP A 140 8.21 -7.76 -31.86
C ASP A 140 7.49 -7.77 -30.52
N THR A 141 8.05 -8.47 -29.53
CA THR A 141 7.48 -8.45 -28.19
C THR A 141 7.57 -7.04 -27.61
N LEU A 142 8.72 -6.39 -27.76
CA LEU A 142 8.90 -5.03 -27.27
C LEU A 142 7.87 -4.09 -27.89
N ILE A 143 7.78 -4.08 -29.22
CA ILE A 143 6.84 -3.21 -29.90
C ILE A 143 5.41 -3.49 -29.45
N THR A 144 5.05 -4.77 -29.33
CA THR A 144 3.68 -5.12 -28.97
C THR A 144 3.34 -4.64 -27.57
N TYR A 145 4.21 -4.90 -26.59
CA TYR A 145 3.96 -4.41 -25.24
C TYR A 145 3.87 -2.90 -25.21
N LEU A 146 4.84 -2.22 -25.85
CA LEU A 146 4.86 -0.76 -25.84
C LEU A 146 3.56 -0.19 -26.41
N MET A 147 3.09 -0.75 -27.52
CA MET A 147 1.86 -0.26 -28.12
C MET A 147 0.67 -0.51 -27.21
N THR A 148 0.60 -1.68 -26.56
CA THR A 148 -0.47 -1.95 -25.61
C THR A 148 -0.36 -1.03 -24.40
N LEU A 149 0.85 -0.85 -23.88
CA LEU A 149 1.05 0.08 -22.76
C LEU A 149 0.63 1.49 -23.16
N GLU A 150 1.04 1.95 -24.34
CA GLU A 150 0.69 3.29 -24.79
C GLU A 150 -0.82 3.42 -24.97
N ASP A 151 -1.48 2.37 -25.45
CA ASP A 151 -2.93 2.39 -25.59
C ASP A 151 -3.61 2.68 -24.27
N HIS A 152 -3.03 2.24 -23.16
CA HIS A 152 -3.69 2.34 -21.86
C HIS A 152 -3.41 3.65 -21.14
N TYR A 153 -2.64 4.54 -21.75
CA TYR A 153 -2.72 5.94 -21.38
C TYR A 153 -3.91 6.57 -22.07
N HIS A 154 -4.58 7.49 -21.37
CA HIS A 154 -5.83 8.06 -21.86
C HIS A 154 -5.52 9.17 -22.86
N ALA A 155 -5.90 8.94 -24.12
CA ALA A 155 -5.75 9.97 -25.15
C ALA A 155 -6.62 11.19 -24.88
N ASP A 156 -7.54 11.10 -23.91
CA ASP A 156 -8.47 12.16 -23.58
C ASP A 156 -8.03 12.99 -22.38
N VAL A 157 -6.86 12.72 -21.82
CA VAL A 157 -6.35 13.41 -20.64
C VAL A 157 -5.26 14.38 -21.10
N ALA A 158 -5.32 15.64 -20.63
CA ALA A 158 -4.47 16.67 -21.22
C ALA A 158 -3.01 16.48 -20.87
N TYR A 159 -2.71 16.13 -19.64
CA TYR A 159 -1.33 16.03 -19.19
C TYR A 159 -0.89 14.59 -18.97
N HIS A 160 -1.59 13.84 -18.12
CA HIS A 160 -1.14 12.50 -17.74
C HIS A 160 -1.51 11.48 -18.81
N ASN A 161 -0.88 11.64 -19.96
CA ASN A 161 -1.12 10.84 -21.15
C ASN A 161 0.20 10.21 -21.62
N ASN A 162 0.18 9.65 -22.83
CA ASN A 162 1.36 8.96 -23.35
C ASN A 162 2.51 9.91 -23.61
N ILE A 163 2.22 11.17 -23.92
CA ILE A 163 3.30 12.13 -24.14
C ILE A 163 4.08 12.37 -22.85
N HIS A 164 3.37 12.50 -21.73
CA HIS A 164 4.05 12.64 -20.44
C HIS A 164 4.88 11.41 -20.13
N ALA A 165 4.35 10.22 -20.44
CA ALA A 165 5.10 8.99 -20.20
C ALA A 165 6.38 8.95 -21.02
N ALA A 166 6.29 9.29 -22.31
CA ALA A 166 7.48 9.33 -23.16
C ALA A 166 8.47 10.37 -22.66
N ASP A 167 7.97 11.53 -22.24
CA ASP A 167 8.85 12.58 -21.73
C ASP A 167 9.60 12.13 -20.49
N VAL A 168 8.93 11.41 -19.59
CA VAL A 168 9.56 10.95 -18.36
C VAL A 168 10.54 9.83 -18.65
N VAL A 169 10.20 8.94 -19.59
CA VAL A 169 11.14 7.92 -20.05
C VAL A 169 12.42 8.58 -20.55
N GLN A 170 12.28 9.53 -21.46
CA GLN A 170 13.44 10.14 -22.09
C GLN A 170 14.25 10.96 -21.10
N SER A 171 13.56 11.64 -20.17
CA SER A 171 14.28 12.40 -19.14
C SER A 171 15.05 11.48 -18.21
N THR A 172 14.41 10.39 -17.76
CA THR A 172 15.12 9.39 -16.97
C THR A 172 16.30 8.81 -17.75
N HIS A 173 16.12 8.59 -19.05
CA HIS A 173 17.21 8.10 -19.89
C HIS A 173 18.40 9.06 -19.86
N VAL A 174 18.14 10.36 -19.92
CA VAL A 174 19.23 11.33 -19.89
C VAL A 174 19.88 11.36 -18.51
N LEU A 175 19.08 11.36 -17.45
CA LEU A 175 19.61 11.42 -16.10
C LEU A 175 20.45 10.19 -15.77
N LEU A 176 20.10 9.03 -16.35
CA LEU A 176 20.89 7.83 -16.13
C LEU A 176 22.29 7.95 -16.70
N SER A 177 22.47 8.78 -17.73
CA SER A 177 23.75 8.90 -18.43
C SER A 177 24.63 10.00 -17.85
N THR A 178 24.27 10.57 -16.71
CA THR A 178 25.04 11.66 -16.16
C THR A 178 26.42 11.17 -15.73
N PRO A 179 27.47 11.97 -15.96
CA PRO A 179 28.84 11.48 -15.67
C PRO A 179 29.03 10.98 -14.25
N ALA A 180 28.41 11.63 -13.27
CA ALA A 180 28.58 11.23 -11.87
C ALA A 180 28.02 9.85 -11.58
N LEU A 181 27.33 9.22 -12.53
CA LEU A 181 26.71 7.91 -12.31
C LEU A 181 27.21 6.83 -13.25
N GLU A 182 28.28 7.09 -14.01
CA GLU A 182 28.75 6.11 -14.99
C GLU A 182 29.29 4.86 -14.29
N ALA A 183 28.83 3.69 -14.76
CA ALA A 183 29.14 2.37 -14.21
C ALA A 183 28.57 2.13 -12.82
N VAL A 184 27.68 3.00 -12.34
CA VAL A 184 27.08 2.79 -11.02
C VAL A 184 26.03 1.69 -11.08
N PHE A 185 25.05 1.84 -11.97
CA PHE A 185 23.87 0.98 -11.98
C PHE A 185 24.04 -0.16 -12.96
N THR A 186 23.48 -1.32 -12.60
CA THR A 186 23.51 -2.47 -13.48
C THR A 186 22.56 -2.26 -14.65
N ASP A 187 22.70 -3.13 -15.66
CA ASP A 187 21.74 -3.12 -16.77
C ASP A 187 20.33 -3.37 -16.27
N LEU A 188 20.19 -4.23 -15.25
CA LEU A 188 18.87 -4.52 -14.71
C LEU A 188 18.27 -3.31 -14.00
N GLU A 189 19.10 -2.57 -13.25
CA GLU A 189 18.62 -1.36 -12.60
C GLU A 189 18.25 -0.29 -13.63
N ILE A 190 19.07 -0.14 -14.68
CA ILE A 190 18.74 0.78 -15.77
C ILE A 190 17.43 0.37 -16.41
N LEU A 191 17.26 -0.92 -16.69
CA LEU A 191 16.01 -1.42 -17.25
C LEU A 191 14.84 -1.12 -16.33
N ALA A 192 15.02 -1.34 -15.01
CA ALA A 192 13.95 -1.06 -14.06
C ALA A 192 13.55 0.40 -14.07
N ALA A 193 14.53 1.31 -14.07
CA ALA A 193 14.23 2.73 -14.03
C ALA A 193 13.50 3.19 -15.29
N ILE A 194 13.94 2.71 -16.46
CA ILE A 194 13.30 3.10 -17.71
C ILE A 194 11.91 2.49 -17.81
N PHE A 195 11.77 1.22 -17.46
CA PHE A 195 10.46 0.57 -17.46
C PHE A 195 9.52 1.25 -16.48
N ALA A 196 10.01 1.56 -15.29
CA ALA A 196 9.18 2.25 -14.30
C ALA A 196 8.70 3.59 -14.83
N SER A 197 9.59 4.34 -15.48
CA SER A 197 9.19 5.62 -16.07
C SER A 197 8.09 5.42 -17.12
N ALA A 198 8.18 4.34 -17.89
CA ALA A 198 7.21 4.13 -18.98
C ALA A 198 5.82 3.84 -18.44
N ILE A 199 5.71 3.06 -17.37
CA ILE A 199 4.40 2.68 -16.85
C ILE A 199 3.91 3.59 -15.74
N HIS A 200 4.71 4.57 -15.31
CA HIS A 200 4.51 5.21 -14.02
C HIS A 200 3.19 5.97 -13.91
N ASP A 201 2.53 6.27 -15.03
CA ASP A 201 1.23 6.96 -14.98
C ASP A 201 0.18 6.29 -15.85
N VAL A 202 0.38 5.03 -16.22
CA VAL A 202 -0.51 4.39 -17.19
C VAL A 202 -1.91 4.27 -16.61
N ASP A 203 -2.91 4.50 -17.46
CA ASP A 203 -4.33 4.48 -17.10
C ASP A 203 -4.66 5.57 -16.09
N HIS A 204 -3.93 6.67 -16.13
CA HIS A 204 -4.25 7.82 -15.29
C HIS A 204 -5.57 8.42 -15.76
N PRO A 205 -6.55 8.60 -14.87
CA PRO A 205 -7.85 9.15 -15.28
C PRO A 205 -7.88 10.66 -15.36
N GLY A 206 -6.79 11.35 -15.05
CA GLY A 206 -6.75 12.80 -15.10
C GLY A 206 -7.19 13.51 -13.84
N VAL A 207 -7.36 12.80 -12.74
CA VAL A 207 -7.75 13.39 -11.47
C VAL A 207 -6.80 12.92 -10.37
N SER A 208 -6.73 13.72 -9.31
CA SER A 208 -5.77 13.48 -8.25
C SER A 208 -6.19 12.32 -7.36
N ASN A 209 -5.23 11.85 -6.55
CA ASN A 209 -5.53 10.86 -5.52
C ASN A 209 -6.60 11.38 -4.58
N GLN A 210 -6.47 12.63 -4.13
CA GLN A 210 -7.43 13.20 -3.20
C GLN A 210 -8.83 13.22 -3.80
N PHE A 211 -8.94 13.53 -5.10
CA PHE A 211 -10.23 13.49 -5.77
C PHE A 211 -10.81 12.08 -5.75
N LEU A 212 -9.99 11.08 -6.07
CA LEU A 212 -10.47 9.70 -6.08
C LEU A 212 -10.88 9.26 -4.67
N ILE A 213 -10.16 9.73 -3.65
CA ILE A 213 -10.54 9.44 -2.27
C ILE A 213 -11.86 10.12 -1.93
N ASN A 214 -11.95 11.43 -2.20
CA ASN A 214 -13.10 12.21 -1.77
C ASN A 214 -14.38 11.80 -2.48
N THR A 215 -14.29 11.25 -3.69
CA THR A 215 -15.45 10.82 -4.44
C THR A 215 -15.76 9.34 -4.27
N ASN A 216 -15.08 8.67 -3.34
CA ASN A 216 -15.32 7.25 -3.03
C ASN A 216 -15.22 6.40 -4.30
N SER A 217 -14.19 6.67 -5.09
CA SER A 217 -13.98 5.94 -6.33
C SER A 217 -13.67 4.48 -6.04
N GLU A 218 -13.87 3.64 -7.06
CA GLU A 218 -13.49 2.24 -6.94
C GLU A 218 -11.99 2.10 -6.74
N LEU A 219 -11.21 2.97 -7.40
CA LEU A 219 -9.76 2.94 -7.25
C LEU A 219 -9.34 3.16 -5.80
N ALA A 220 -9.86 4.22 -5.18
CA ALA A 220 -9.54 4.49 -3.78
C ALA A 220 -10.07 3.39 -2.86
N LEU A 221 -11.22 2.79 -3.21
CA LEU A 221 -11.74 1.66 -2.45
C LEU A 221 -10.81 0.46 -2.56
N MET A 222 -10.29 0.21 -3.76
CA MET A 222 -9.39 -0.92 -3.97
C MET A 222 -8.10 -0.74 -3.17
N TYR A 223 -7.54 0.46 -3.17
CA TYR A 223 -6.21 0.69 -2.64
C TYR A 223 -6.20 1.42 -1.30
N ASN A 224 -7.36 1.52 -0.65
CA ASN A 224 -7.45 1.98 0.74
C ASN A 224 -6.81 3.35 0.93
N ASP A 225 -7.03 4.23 -0.05
CA ASP A 225 -6.67 5.65 -0.02
C ASP A 225 -5.17 5.91 -0.01
N SER A 226 -4.35 4.89 -0.23
CA SER A 226 -2.90 5.01 -0.12
C SER A 226 -2.26 4.82 -1.49
N SER A 227 -1.62 5.87 -1.99
CA SER A 227 -0.97 5.87 -3.30
C SER A 227 -1.87 5.21 -4.35
N VAL A 228 -3.12 5.67 -4.39
CA VAL A 228 -4.17 5.01 -5.17
C VAL A 228 -3.76 4.91 -6.64
N LEU A 229 -3.44 6.05 -7.24
CA LEU A 229 -3.04 6.07 -8.65
C LEU A 229 -1.77 5.25 -8.86
N GLU A 230 -0.78 5.45 -8.02
CA GLU A 230 0.54 4.86 -8.25
C GLU A 230 0.50 3.34 -8.13
N ASN A 231 -0.28 2.81 -7.19
CA ASN A 231 -0.50 1.37 -7.14
C ASN A 231 -1.21 0.88 -8.40
N HIS A 232 -2.16 1.67 -8.91
CA HIS A 232 -2.89 1.27 -10.11
C HIS A 232 -1.98 1.27 -11.33
N HIS A 233 -1.16 2.32 -11.48
CA HIS A 233 -0.20 2.36 -12.58
C HIS A 233 0.66 1.11 -12.61
N LEU A 234 1.15 0.69 -11.44
CA LEU A 234 1.99 -0.50 -11.35
C LEU A 234 1.20 -1.75 -11.75
N ALA A 235 0.00 -1.91 -11.18
CA ALA A 235 -0.80 -3.11 -11.47
C ALA A 235 -1.10 -3.22 -12.95
N VAL A 236 -1.48 -2.11 -13.60
CA VAL A 236 -1.77 -2.13 -15.03
C VAL A 236 -0.50 -2.42 -15.82
N GLY A 237 0.60 -1.73 -15.49
CA GLY A 237 1.82 -1.91 -16.24
C GLY A 237 2.36 -3.32 -16.20
N PHE A 238 2.30 -3.96 -15.02
CA PHE A 238 2.71 -5.35 -14.91
C PHE A 238 1.71 -6.28 -15.59
N LYS A 239 0.40 -6.01 -15.40
CA LYS A 239 -0.62 -6.88 -15.95
C LYS A 239 -0.53 -6.98 -17.47
N LEU A 240 -0.22 -5.86 -18.14
CA LEU A 240 -0.14 -5.86 -19.59
C LEU A 240 0.99 -6.73 -20.13
N LEU A 241 1.97 -7.08 -19.28
CA LEU A 241 3.01 -8.01 -19.68
C LEU A 241 2.46 -9.40 -19.95
N GLN A 242 1.26 -9.71 -19.47
CA GLN A 242 0.66 -11.02 -19.65
C GLN A 242 -0.18 -11.12 -20.93
N GLU A 243 -0.42 -10.00 -21.60
CA GLU A 243 -1.13 -10.04 -22.88
C GLU A 243 -0.29 -10.77 -23.91
N GLU A 244 -0.95 -11.13 -25.01
CA GLU A 244 -0.33 -11.97 -26.04
C GLU A 244 0.94 -11.33 -26.59
N ASN A 245 2.05 -12.06 -26.51
CA ASN A 245 3.36 -11.61 -27.01
C ASN A 245 3.75 -10.28 -26.41
N CYS A 246 3.49 -10.09 -25.12
CA CYS A 246 3.77 -8.83 -24.46
C CYS A 246 4.80 -8.93 -23.34
N ASP A 247 5.24 -10.12 -22.97
CA ASP A 247 6.18 -10.25 -21.86
C ASP A 247 7.59 -9.95 -22.36
N ILE A 248 7.98 -8.67 -22.26
CA ILE A 248 9.32 -8.25 -22.64
C ILE A 248 10.39 -8.76 -21.68
N PHE A 249 10.00 -9.32 -20.55
CA PHE A 249 10.93 -9.88 -19.58
C PHE A 249 11.00 -11.39 -19.63
N GLN A 250 10.49 -12.00 -20.71
CA GLN A 250 10.33 -13.45 -20.78
C GLN A 250 11.66 -14.19 -20.69
N ASN A 251 12.78 -13.54 -21.00
CA ASN A 251 14.09 -14.19 -20.98
C ASN A 251 14.97 -13.73 -19.83
N LEU A 252 14.42 -12.98 -18.89
CA LEU A 252 15.13 -12.70 -17.64
C LEU A 252 15.08 -13.92 -16.74
N THR A 253 16.12 -14.09 -15.94
CA THR A 253 16.11 -15.15 -14.94
C THR A 253 15.07 -14.84 -13.86
N LYS A 254 14.79 -15.85 -13.04
CA LYS A 254 13.78 -15.67 -11.99
C LYS A 254 14.23 -14.61 -10.99
N LYS A 255 15.50 -14.63 -10.60
CA LYS A 255 15.99 -13.61 -9.69
C LYS A 255 16.00 -12.24 -10.35
N GLN A 256 16.22 -12.18 -11.67
CA GLN A 256 16.19 -10.89 -12.37
C GLN A 256 14.79 -10.28 -12.36
N ARG A 257 13.78 -11.08 -12.67
CA ARG A 257 12.41 -10.56 -12.68
C ARG A 257 11.96 -10.17 -11.28
N GLN A 258 12.26 -11.00 -10.29
CA GLN A 258 11.93 -10.67 -8.91
C GLN A 258 12.60 -9.35 -8.50
N SER A 259 13.89 -9.21 -8.79
CA SER A 259 14.59 -7.98 -8.45
C SER A 259 14.04 -6.79 -9.22
N LEU A 260 13.79 -6.96 -10.52
CA LEU A 260 13.26 -5.85 -11.31
C LEU A 260 11.86 -5.47 -10.83
N ARG A 261 11.01 -6.45 -10.54
CA ARG A 261 9.66 -6.14 -10.09
C ARG A 261 9.67 -5.29 -8.82
N LYS A 262 10.51 -5.68 -7.85
CA LYS A 262 10.57 -4.90 -6.61
C LYS A 262 11.10 -3.49 -6.87
N MET A 263 12.13 -3.36 -7.70
CA MET A 263 12.69 -2.05 -7.99
C MET A 263 11.66 -1.16 -8.69
N VAL A 264 10.95 -1.71 -9.68
CA VAL A 264 9.93 -0.94 -10.38
C VAL A 264 8.85 -0.47 -9.41
N ILE A 265 8.44 -1.35 -8.49
CA ILE A 265 7.42 -0.98 -7.51
C ILE A 265 7.93 0.14 -6.61
N ASP A 266 9.14 -0.02 -6.06
CA ASP A 266 9.70 1.01 -5.20
C ASP A 266 9.80 2.35 -5.93
N ILE A 267 10.12 2.33 -7.22
CA ILE A 267 10.32 3.57 -7.96
C ILE A 267 8.98 4.26 -8.22
N VAL A 268 8.00 3.51 -8.74
CA VAL A 268 6.73 4.13 -9.11
C VAL A 268 5.98 4.62 -7.87
N LEU A 269 6.02 3.86 -6.78
CA LEU A 269 5.40 4.33 -5.55
C LEU A 269 6.04 5.63 -5.07
N ALA A 270 7.31 5.86 -5.41
CA ALA A 270 7.98 7.09 -5.03
C ALA A 270 7.56 8.29 -5.87
N THR A 271 6.79 8.08 -6.94
CA THR A 271 6.29 9.22 -7.72
C THR A 271 5.08 9.88 -7.07
N ASP A 272 4.47 9.23 -6.08
CA ASP A 272 3.39 9.84 -5.32
C ASP A 272 3.91 11.09 -4.61
N MET A 273 3.33 12.25 -4.94
CA MET A 273 3.80 13.50 -4.36
C MET A 273 3.70 13.54 -2.84
N SER A 274 2.82 12.73 -2.25
CA SER A 274 2.76 12.67 -0.79
C SER A 274 4.02 12.06 -0.18
N LYS A 275 4.87 11.44 -0.98
CA LYS A 275 6.17 10.94 -0.54
C LYS A 275 7.29 11.94 -0.72
N HIS A 276 7.00 13.10 -1.33
CA HIS A 276 8.06 13.97 -1.84
C HIS A 276 8.94 14.51 -0.73
N MET A 277 8.34 15.03 0.34
CA MET A 277 9.12 15.68 1.39
C MET A 277 10.09 14.70 2.03
N ASN A 278 9.60 13.51 2.41
CA ASN A 278 10.49 12.51 3.00
C ASN A 278 11.53 12.04 2.00
N LEU A 279 11.13 11.85 0.74
CA LEU A 279 12.08 11.48 -0.30
C LEU A 279 13.17 12.54 -0.46
N LEU A 280 12.77 13.81 -0.48
CA LEU A 280 13.73 14.90 -0.60
C LEU A 280 14.61 15.01 0.63
N ALA A 281 14.03 14.84 1.82
CA ALA A 281 14.83 14.88 3.04
C ALA A 281 15.90 13.79 3.03
N ASP A 282 15.54 12.58 2.55
CA ASP A 282 16.51 11.51 2.43
C ASP A 282 17.58 11.85 1.41
N LEU A 283 17.19 12.46 0.29
CA LEU A 283 18.17 12.84 -0.73
C LEU A 283 19.12 13.90 -0.20
N LYS A 284 18.60 14.87 0.55
CA LYS A 284 19.47 15.85 1.20
C LYS A 284 20.51 15.16 2.08
N THR A 285 20.05 14.25 2.95
CA THR A 285 20.98 13.53 3.82
C THR A 285 22.04 12.79 3.01
N MET A 286 21.65 12.17 1.90
CA MET A 286 22.63 11.47 1.08
C MET A 286 23.67 12.43 0.51
N VAL A 287 23.21 13.61 0.05
CA VAL A 287 24.15 14.59 -0.50
C VAL A 287 25.14 15.03 0.57
N GLU A 288 24.65 15.25 1.79
CA GLU A 288 25.51 15.75 2.86
C GLU A 288 26.54 14.70 3.29
N THR A 289 26.21 13.41 3.18
CA THR A 289 27.09 12.33 3.57
C THR A 289 27.65 11.57 2.37
N LYS A 290 27.66 12.21 1.20
CA LYS A 290 27.94 11.51 -0.05
C LYS A 290 29.36 10.96 -0.10
N LYS A 291 29.49 9.74 -0.61
CA LYS A 291 30.77 9.10 -0.89
C LYS A 291 30.93 8.93 -2.39
N VAL A 292 32.17 9.10 -2.88
CA VAL A 292 32.48 8.85 -4.28
C VAL A 292 33.60 7.82 -4.35
N THR A 293 33.76 7.24 -5.53
CA THR A 293 34.83 6.28 -5.77
C THR A 293 36.10 7.02 -6.20
N SER A 294 37.17 6.27 -6.45
CA SER A 294 38.41 6.86 -6.92
C SER A 294 38.26 7.46 -8.31
N SER A 295 37.24 7.05 -9.06
CA SER A 295 36.94 7.63 -10.37
C SER A 295 35.96 8.79 -10.28
N GLY A 296 35.75 9.35 -9.09
CA GLY A 296 34.86 10.49 -8.92
C GLY A 296 33.40 10.18 -9.11
N VAL A 297 33.03 8.92 -9.20
CA VAL A 297 31.66 8.49 -9.45
C VAL A 297 30.98 8.16 -8.12
N LEU A 298 29.68 8.44 -8.05
CA LEU A 298 28.93 8.22 -6.82
C LEU A 298 29.06 6.77 -6.36
N LEU A 299 29.23 6.59 -5.04
CA LEU A 299 29.40 5.28 -4.43
C LEU A 299 28.12 4.88 -3.73
N LEU A 300 27.48 3.82 -4.23
CA LEU A 300 26.20 3.34 -3.69
C LEU A 300 26.38 1.91 -3.18
N ASP A 301 26.40 1.77 -1.85
CA ASP A 301 26.88 0.58 -1.17
C ASP A 301 25.85 -0.55 -1.10
N ASN A 302 24.57 -0.24 -1.24
CA ASN A 302 23.52 -1.11 -0.75
C ASN A 302 22.22 -0.77 -1.46
N TYR A 303 21.24 -1.66 -1.33
CA TYR A 303 19.97 -1.45 -2.03
C TYR A 303 19.32 -0.13 -1.61
N SER A 304 19.28 0.15 -0.31
CA SER A 304 18.59 1.34 0.18
C SER A 304 19.08 2.61 -0.51
N ASP A 305 20.40 2.75 -0.67
CA ASP A 305 20.93 3.94 -1.33
C ASP A 305 20.73 3.89 -2.83
N ARG A 306 20.87 2.71 -3.44
CA ARG A 306 20.71 2.59 -4.89
C ARG A 306 19.27 2.88 -5.31
N ILE A 307 18.31 2.25 -4.63
CA ILE A 307 16.91 2.46 -4.99
C ILE A 307 16.49 3.90 -4.73
N GLN A 308 17.04 4.53 -3.68
CA GLN A 308 16.67 5.90 -3.35
C GLN A 308 17.15 6.88 -4.40
N VAL A 309 18.32 6.62 -4.99
CA VAL A 309 18.79 7.44 -6.11
C VAL A 309 17.89 7.23 -7.33
N LEU A 310 17.52 5.97 -7.60
CA LEU A 310 16.64 5.71 -8.73
C LEU A 310 15.24 6.26 -8.48
N GLN A 311 14.77 6.21 -7.23
CA GLN A 311 13.48 6.81 -6.89
C GLN A 311 13.49 8.30 -7.16
N ASN A 312 14.49 9.01 -6.63
CA ASN A 312 14.56 10.46 -6.82
C ASN A 312 14.86 10.81 -8.27
N MET A 313 15.61 9.96 -8.98
CA MET A 313 15.89 10.24 -10.39
C MET A 313 14.61 10.27 -11.21
N VAL A 314 13.78 9.22 -11.09
CA VAL A 314 12.53 9.16 -11.81
C VAL A 314 11.57 10.25 -11.31
N HIS A 315 11.62 10.54 -10.01
CA HIS A 315 10.83 11.63 -9.45
C HIS A 315 11.25 12.98 -10.04
N CYS A 316 12.56 13.18 -10.22
CA CYS A 316 13.05 14.39 -10.89
C CYS A 316 12.57 14.45 -12.33
N ALA A 317 12.64 13.33 -13.05
CA ALA A 317 12.14 13.29 -14.41
C ALA A 317 10.65 13.58 -14.46
N ASP A 318 9.91 13.10 -13.45
CA ASP A 318 8.48 13.39 -13.35
C ASP A 318 8.23 14.88 -13.13
N LEU A 319 9.12 15.56 -12.40
CA LEU A 319 8.98 16.98 -12.11
C LEU A 319 9.96 17.82 -12.91
N SER A 320 10.26 17.42 -14.15
CA SER A 320 11.30 18.07 -14.94
C SER A 320 10.76 19.10 -15.92
N ASN A 321 9.44 19.19 -16.11
CA ASN A 321 8.88 20.19 -17.03
C ASN A 321 9.47 21.58 -16.86
N PRO A 322 9.53 22.16 -15.65
CA PRO A 322 10.07 23.52 -15.52
C PRO A 322 11.56 23.63 -15.82
N THR A 323 12.28 22.51 -15.90
CA THR A 323 13.70 22.52 -16.26
C THR A 323 13.92 22.46 -17.76
N LYS A 324 12.89 22.28 -18.55
CA LYS A 324 13.01 22.12 -19.98
C LYS A 324 13.02 23.49 -20.67
N PRO A 325 13.51 23.55 -21.91
CA PRO A 325 13.43 24.80 -22.67
C PRO A 325 12.01 25.36 -22.64
N LEU A 326 11.91 26.70 -22.55
CA LEU A 326 10.66 27.35 -22.18
C LEU A 326 9.50 26.96 -23.07
N GLN A 327 9.76 26.74 -24.36
CA GLN A 327 8.66 26.40 -25.26
C GLN A 327 8.12 25.00 -25.01
N LEU A 328 8.93 24.11 -24.43
CA LEU A 328 8.42 22.83 -23.95
C LEU A 328 7.70 22.99 -22.62
N TYR A 329 8.35 23.66 -21.66
CA TYR A 329 7.74 23.92 -20.35
C TYR A 329 6.35 24.52 -20.49
N ARG A 330 6.21 25.55 -21.34
CA ARG A 330 4.94 26.26 -21.44
C ARG A 330 3.81 25.34 -21.90
N GLN A 331 4.11 24.43 -22.83
CA GLN A 331 3.06 23.51 -23.29
C GLN A 331 2.68 22.51 -22.19
N TRP A 332 3.65 22.09 -21.38
CA TRP A 332 3.32 21.28 -20.22
C TRP A 332 2.43 22.04 -19.25
N THR A 333 2.69 23.33 -19.07
CA THR A 333 1.86 24.14 -18.18
C THR A 333 0.43 24.26 -18.72
N ASP A 334 0.30 24.52 -20.02
CA ASP A 334 -1.02 24.55 -20.64
C ASP A 334 -1.78 23.26 -20.35
N ARG A 335 -1.09 22.12 -20.45
CA ARG A 335 -1.77 20.83 -20.33
C ARG A 335 -2.15 20.52 -18.89
N ILE A 336 -1.25 20.77 -17.94
CA ILE A 336 -1.57 20.46 -16.55
C ILE A 336 -2.69 21.37 -16.04
N MET A 337 -2.72 22.63 -16.49
CA MET A 337 -3.80 23.52 -16.08
C MET A 337 -5.11 23.09 -16.69
N GLU A 338 -5.08 22.68 -17.95
CA GLU A 338 -6.27 22.12 -18.58
C GLU A 338 -6.81 20.93 -17.78
N GLU A 339 -5.92 20.00 -17.39
CA GLU A 339 -6.36 18.84 -16.61
C GLU A 339 -6.89 19.26 -15.25
N PHE A 340 -6.19 20.17 -14.57
CA PHE A 340 -6.65 20.68 -13.29
C PHE A 340 -8.04 21.29 -13.41
N PHE A 341 -8.23 22.16 -14.42
CA PHE A 341 -9.52 22.82 -14.59
C PHE A 341 -10.63 21.81 -14.82
N ARG A 342 -10.35 20.73 -15.57
CA ARG A 342 -11.39 19.74 -15.85
C ARG A 342 -11.72 18.92 -14.61
N GLN A 343 -10.75 18.70 -13.73
CA GLN A 343 -11.07 18.14 -12.42
C GLN A 343 -11.87 19.12 -11.59
N GLY A 344 -11.47 20.40 -11.61
CA GLY A 344 -12.21 21.42 -10.87
C GLY A 344 -13.65 21.56 -11.31
N ASP A 345 -13.91 21.38 -12.61
CA ASP A 345 -15.29 21.36 -13.09
C ASP A 345 -16.08 20.22 -12.43
N ARG A 346 -15.53 19.00 -12.48
CA ARG A 346 -16.17 17.87 -11.82
C ARG A 346 -16.42 18.17 -10.34
N GLU A 347 -15.47 18.81 -9.67
CA GLU A 347 -15.63 19.15 -8.27
C GLU A 347 -16.72 20.20 -8.06
N ARG A 348 -16.63 21.31 -8.79
CA ARG A 348 -17.59 22.40 -8.61
C ARG A 348 -19.01 21.94 -8.88
N GLU A 349 -19.19 20.95 -9.77
CA GLU A 349 -20.51 20.36 -9.97
C GLU A 349 -21.04 19.76 -8.69
N ARG A 350 -20.28 18.86 -8.08
CA ARG A 350 -20.69 18.10 -6.90
C ARG A 350 -20.76 18.92 -5.64
N GLY A 351 -20.69 20.25 -5.69
CA GLY A 351 -20.63 21.03 -4.47
C GLY A 351 -19.36 20.84 -3.66
N MET A 352 -18.37 20.13 -4.21
CA MET A 352 -17.11 19.95 -3.51
C MET A 352 -16.30 21.24 -3.54
N GLU A 353 -15.51 21.44 -2.49
CA GLU A 353 -14.51 22.51 -2.51
C GLU A 353 -13.52 22.25 -3.63
N ILE A 354 -13.38 23.21 -4.53
CA ILE A 354 -12.48 23.04 -5.67
C ILE A 354 -11.05 22.97 -5.16
N SER A 355 -10.30 21.98 -5.63
CA SER A 355 -8.92 21.81 -5.22
C SER A 355 -8.09 23.03 -5.62
N PRO A 356 -6.99 23.27 -4.91
CA PRO A 356 -6.11 24.38 -5.30
C PRO A 356 -5.62 24.23 -6.73
N MET A 357 -5.72 25.31 -7.49
CA MET A 357 -5.32 25.47 -8.90
C MET A 357 -6.31 24.85 -9.88
N CYS A 358 -7.43 24.30 -9.42
CA CYS A 358 -8.39 23.65 -10.31
C CYS A 358 -9.57 24.54 -10.66
N ASP A 359 -9.60 25.78 -10.16
CA ASP A 359 -10.72 26.70 -10.41
C ASP A 359 -10.33 27.61 -11.58
N LYS A 360 -10.90 27.34 -12.75
CA LYS A 360 -10.61 28.16 -13.92
C LYS A 360 -11.09 29.60 -13.72
N HIS A 361 -12.14 29.80 -12.92
CA HIS A 361 -12.64 31.13 -12.63
C HIS A 361 -11.82 31.85 -11.55
N ASN A 362 -10.87 31.15 -10.93
CA ASN A 362 -10.03 31.74 -9.89
C ASN A 362 -8.73 30.93 -9.77
N ALA A 363 -7.84 31.11 -10.75
CA ALA A 363 -6.52 30.50 -10.71
C ALA A 363 -5.53 31.47 -11.33
N SER A 364 -4.33 31.47 -10.78
CA SER A 364 -3.21 32.22 -11.36
C SER A 364 -2.20 31.19 -11.85
N VAL A 365 -2.21 30.95 -13.16
CA VAL A 365 -1.28 30.01 -13.77
C VAL A 365 0.16 30.39 -13.43
N GLU A 366 0.50 31.66 -13.65
CA GLU A 366 1.89 32.10 -13.47
C GLU A 366 2.31 32.02 -12.01
N LYS A 367 1.45 32.49 -11.10
CA LYS A 367 1.79 32.40 -9.68
C LYS A 367 1.92 30.96 -9.22
N SER A 368 1.10 30.05 -9.77
CA SER A 368 1.18 28.66 -9.36
C SER A 368 2.46 28.01 -9.86
N GLN A 369 2.93 28.39 -11.05
CA GLN A 369 4.19 27.86 -11.55
C GLN A 369 5.37 28.33 -10.69
N VAL A 370 5.34 29.59 -10.26
CA VAL A 370 6.41 30.11 -9.40
C VAL A 370 6.41 29.37 -8.06
N GLY A 371 5.23 29.21 -7.46
CA GLY A 371 5.14 28.46 -6.22
C GLY A 371 5.55 27.01 -6.39
N PHE A 372 5.12 26.40 -7.50
CA PHE A 372 5.51 25.02 -7.81
C PHE A 372 7.02 24.87 -7.88
N ILE A 373 7.68 25.79 -8.60
CA ILE A 373 9.14 25.76 -8.68
C ILE A 373 9.77 26.02 -7.32
N ASP A 374 9.30 27.07 -6.62
CA ASP A 374 9.96 27.52 -5.41
C ASP A 374 9.87 26.51 -4.29
N TYR A 375 8.71 25.86 -4.13
CA TYR A 375 8.48 24.98 -2.99
C TYR A 375 8.62 23.50 -3.32
N ILE A 376 8.68 23.13 -4.59
CA ILE A 376 8.78 21.71 -4.95
C ILE A 376 9.94 21.47 -5.91
N VAL A 377 9.86 22.04 -7.11
CA VAL A 377 10.75 21.63 -8.20
C VAL A 377 12.19 22.10 -7.94
N HIS A 378 12.35 23.34 -7.51
CA HIS A 378 13.71 23.83 -7.32
C HIS A 378 14.40 23.19 -6.11
N PRO A 379 13.72 23.03 -4.96
CA PRO A 379 14.37 22.29 -3.86
C PRO A 379 14.79 20.90 -4.26
N LEU A 380 13.98 20.22 -5.09
CA LEU A 380 14.34 18.88 -5.56
C LEU A 380 15.54 18.94 -6.50
N TRP A 381 15.47 19.77 -7.53
CA TRP A 381 16.50 19.77 -8.56
C TRP A 381 17.80 20.38 -8.06
N GLU A 382 17.73 21.34 -7.13
CA GLU A 382 18.95 21.85 -6.51
C GLU A 382 19.64 20.76 -5.70
N THR A 383 18.85 19.92 -5.02
CA THR A 383 19.44 18.80 -4.29
C THR A 383 19.97 17.74 -5.25
N TRP A 384 19.24 17.44 -6.32
CA TRP A 384 19.76 16.50 -7.32
C TRP A 384 21.02 17.05 -7.97
N ALA A 385 21.04 18.35 -8.27
CA ALA A 385 22.23 18.96 -8.84
C ALA A 385 23.43 18.79 -7.92
N ASP A 386 23.23 18.99 -6.61
CA ASP A 386 24.32 18.80 -5.66
C ASP A 386 24.79 17.35 -5.66
N LEU A 387 23.87 16.39 -5.79
CA LEU A 387 24.26 14.98 -5.77
C LEU A 387 25.19 14.64 -6.93
N VAL A 388 24.95 15.24 -8.09
CA VAL A 388 25.71 14.91 -9.29
C VAL A 388 26.56 16.10 -9.75
N HIS A 389 26.81 17.06 -8.88
CA HIS A 389 27.50 18.30 -9.22
C HIS A 389 28.84 18.02 -9.90
N PRO A 390 29.11 18.71 -11.03
CA PRO A 390 28.31 19.78 -11.63
C PRO A 390 27.45 19.35 -12.82
N ASP A 391 27.19 18.05 -12.93
CA ASP A 391 26.60 17.50 -14.16
C ASP A 391 25.32 18.23 -14.57
N ALA A 392 24.52 18.67 -13.59
CA ALA A 392 23.18 19.16 -13.86
C ALA A 392 23.07 20.68 -13.80
N GLN A 393 24.19 21.40 -13.97
CA GLN A 393 24.17 22.85 -13.79
C GLN A 393 23.34 23.53 -14.87
N ASP A 394 23.43 23.06 -16.12
CA ASP A 394 22.65 23.66 -17.19
C ASP A 394 21.16 23.45 -16.97
N ILE A 395 20.77 22.26 -16.52
CA ILE A 395 19.37 21.99 -16.20
C ILE A 395 18.90 22.89 -15.06
N LEU A 396 19.73 23.04 -14.03
CA LEU A 396 19.38 23.93 -12.92
C LEU A 396 19.32 25.38 -13.37
N ASP A 397 20.26 25.78 -14.24
CA ASP A 397 20.23 27.14 -14.79
C ASP A 397 18.94 27.39 -15.55
N THR A 398 18.55 26.44 -16.41
CA THR A 398 17.31 26.60 -17.18
C THR A 398 16.11 26.74 -16.26
N LEU A 399 16.05 25.88 -15.23
CA LEU A 399 14.96 25.96 -14.25
C LEU A 399 14.89 27.35 -13.63
N GLU A 400 16.04 27.91 -13.25
CA GLU A 400 16.04 29.22 -12.61
C GLU A 400 15.70 30.32 -13.60
N ASP A 401 16.13 30.18 -14.86
CA ASP A 401 15.70 31.11 -15.90
C ASP A 401 14.20 31.05 -16.10
N ASN A 402 13.64 29.84 -16.19
CA ASN A 402 12.20 29.70 -16.39
C ASN A 402 11.43 30.23 -15.19
N ARG A 403 11.94 30.02 -13.98
CA ARG A 403 11.34 30.62 -12.80
C ARG A 403 11.33 32.14 -12.91
N GLU A 404 12.47 32.72 -13.31
CA GLU A 404 12.54 34.15 -13.57
C GLU A 404 11.47 34.59 -14.56
N TRP A 405 11.34 33.86 -15.67
CA TRP A 405 10.43 34.29 -16.73
C TRP A 405 8.99 34.28 -16.25
N TYR A 406 8.55 33.20 -15.59
CA TYR A 406 7.18 33.14 -15.10
C TYR A 406 6.93 34.23 -14.07
N GLN A 407 7.90 34.48 -13.19
CA GLN A 407 7.77 35.57 -12.22
C GLN A 407 7.61 36.91 -12.92
N SER A 408 8.34 37.13 -14.01
CA SER A 408 8.31 38.41 -14.71
C SER A 408 6.94 38.72 -15.31
N THR A 409 6.10 37.70 -15.50
CA THR A 409 4.77 37.90 -16.07
C THR A 409 3.72 38.18 -15.02
N ILE A 410 4.11 38.43 -13.77
CA ILE A 410 3.16 38.72 -12.71
C ILE A 410 3.08 40.22 -12.45
N GLU B 87 -34.25 -25.59 23.58
CA GLU B 87 -34.26 -24.42 22.73
C GLU B 87 -32.85 -24.01 22.31
N GLN B 88 -32.58 -24.15 21.01
CA GLN B 88 -31.33 -23.67 20.44
C GLN B 88 -31.03 -22.24 20.86
N GLU B 89 -31.99 -21.34 20.62
CA GLU B 89 -31.77 -19.92 20.87
C GLU B 89 -31.53 -19.62 22.34
N ASP B 90 -32.02 -20.49 23.24
CA ASP B 90 -31.78 -20.28 24.66
C ASP B 90 -30.33 -20.57 25.02
N VAL B 91 -29.79 -21.70 24.55
CA VAL B 91 -28.40 -22.05 24.82
C VAL B 91 -27.48 -21.00 24.21
N LEU B 92 -27.76 -20.58 22.98
CA LEU B 92 -26.97 -19.52 22.35
C LEU B 92 -27.00 -18.26 23.20
N ALA B 93 -28.18 -17.88 23.69
CA ALA B 93 -28.31 -16.68 24.51
C ALA B 93 -27.51 -16.81 25.79
N LYS B 94 -27.40 -18.02 26.32
CA LYS B 94 -26.65 -18.23 27.56
C LYS B 94 -25.14 -18.13 27.31
N GLU B 95 -24.65 -18.75 26.23
CA GLU B 95 -23.22 -18.66 25.93
C GLU B 95 -22.81 -17.22 25.67
N LEU B 96 -23.67 -16.43 25.03
CA LEU B 96 -23.36 -15.03 24.75
C LEU B 96 -23.30 -14.19 26.02
N GLU B 97 -23.84 -14.68 27.14
CA GLU B 97 -23.66 -13.99 28.40
C GLU B 97 -22.21 -13.89 28.82
N ASP B 98 -21.33 -14.68 28.21
CA ASP B 98 -19.89 -14.62 28.45
C ASP B 98 -19.17 -13.70 27.47
N VAL B 99 -19.91 -12.87 26.72
CA VAL B 99 -19.32 -12.04 25.67
C VAL B 99 -18.23 -11.11 26.21
N ASN B 100 -18.27 -10.81 27.51
CA ASN B 100 -17.29 -9.93 28.12
C ASN B 100 -16.10 -10.66 28.72
N LYS B 101 -15.98 -11.96 28.49
CA LYS B 101 -14.97 -12.77 29.17
C LYS B 101 -13.96 -13.35 28.18
N TRP B 102 -12.68 -13.24 28.54
CA TRP B 102 -11.62 -13.97 27.87
C TRP B 102 -11.92 -15.47 27.92
N GLY B 103 -11.59 -16.16 26.85
CA GLY B 103 -12.02 -17.54 26.75
C GLY B 103 -13.49 -17.68 26.48
N LEU B 104 -14.12 -16.66 25.90
CA LEU B 104 -15.49 -16.83 25.41
C LEU B 104 -15.55 -18.09 24.61
N HIS B 105 -16.63 -18.81 24.82
CA HIS B 105 -16.87 -20.07 24.16
C HIS B 105 -17.31 -19.75 22.73
N VAL B 106 -16.40 -19.80 21.76
CA VAL B 106 -16.72 -19.30 20.41
C VAL B 106 -17.14 -20.38 19.42
N PHE B 107 -16.59 -21.60 19.52
CA PHE B 107 -16.93 -22.67 18.57
C PHE B 107 -18.35 -23.20 18.78
N ARG B 108 -18.75 -23.41 20.04
CA ARG B 108 -20.15 -23.72 20.32
C ARG B 108 -21.08 -22.56 19.94
N ILE B 109 -20.66 -21.30 20.12
CA ILE B 109 -21.50 -20.21 19.64
C ILE B 109 -21.64 -20.29 18.13
N ALA B 110 -20.55 -20.64 17.45
CA ALA B 110 -20.60 -20.92 16.02
C ALA B 110 -21.60 -22.03 15.72
N GLU B 111 -21.51 -23.14 16.45
CA GLU B 111 -22.43 -24.26 16.23
C GLU B 111 -23.87 -23.86 16.52
N LEU B 112 -24.10 -23.21 17.66
CA LEU B 112 -25.47 -22.91 18.09
C LEU B 112 -26.12 -21.83 17.24
N SER B 113 -25.35 -20.96 16.60
CA SER B 113 -25.90 -19.88 15.79
C SER B 113 -26.11 -20.26 14.34
N GLY B 114 -25.86 -21.51 13.97
CA GLY B 114 -25.97 -21.92 12.58
C GLY B 114 -24.82 -21.45 11.72
N ASN B 115 -23.59 -21.52 12.24
CA ASN B 115 -22.41 -20.96 11.58
C ASN B 115 -22.58 -19.46 11.32
N ARG B 116 -23.08 -18.74 12.32
CA ARG B 116 -23.15 -17.28 12.28
C ARG B 116 -22.53 -16.65 13.52
N PRO B 117 -21.34 -17.09 13.95
CA PRO B 117 -20.75 -16.48 15.15
C PRO B 117 -20.35 -15.04 14.96
N LEU B 118 -19.90 -14.65 13.76
CA LEU B 118 -19.52 -13.26 13.52
C LEU B 118 -20.73 -12.34 13.64
N THR B 119 -21.86 -12.73 13.04
CA THR B 119 -23.05 -11.89 13.11
C THR B 119 -23.56 -11.78 14.54
N VAL B 120 -23.69 -12.90 15.24
CA VAL B 120 -24.30 -12.88 16.56
C VAL B 120 -23.37 -12.23 17.58
N ILE B 121 -22.06 -12.42 17.46
CA ILE B 121 -21.15 -11.84 18.44
C ILE B 121 -20.99 -10.35 18.21
N MET B 122 -20.94 -9.93 16.94
CA MET B 122 -20.89 -8.50 16.64
C MET B 122 -22.20 -7.81 17.07
N HIS B 123 -23.33 -8.42 16.74
CA HIS B 123 -24.62 -7.88 17.18
C HIS B 123 -24.67 -7.73 18.69
N THR B 124 -24.19 -8.74 19.42
CA THR B 124 -24.20 -8.69 20.87
C THR B 124 -23.29 -7.57 21.37
N ILE B 125 -22.07 -7.48 20.84
CA ILE B 125 -21.12 -6.47 21.30
C ILE B 125 -21.62 -5.07 20.99
N PHE B 126 -22.28 -4.90 19.83
CA PHE B 126 -22.87 -3.61 19.50
C PHE B 126 -24.00 -3.24 20.47
N GLN B 127 -24.88 -4.19 20.77
CA GLN B 127 -25.92 -3.94 21.76
C GLN B 127 -25.31 -3.71 23.13
N GLU B 128 -24.30 -4.51 23.50
CA GLU B 128 -23.63 -4.35 24.79
C GLU B 128 -22.99 -2.98 24.92
N ARG B 129 -22.52 -2.41 23.82
CA ARG B 129 -21.84 -1.13 23.83
C ARG B 129 -22.72 0.05 23.43
N ASP B 130 -24.01 -0.18 23.17
CA ASP B 130 -24.97 0.87 22.82
C ASP B 130 -24.64 1.54 21.49
N LEU B 131 -23.87 0.86 20.63
CA LEU B 131 -23.35 1.49 19.42
C LEU B 131 -24.42 1.72 18.36
N LEU B 132 -25.51 0.94 18.37
CA LEU B 132 -26.59 1.19 17.43
C LEU B 132 -27.29 2.51 17.73
N LYS B 133 -27.43 2.85 19.02
CA LYS B 133 -28.05 4.11 19.40
C LYS B 133 -27.09 5.28 19.29
N THR B 134 -25.81 5.04 19.57
CA THR B 134 -24.82 6.11 19.51
C THR B 134 -24.61 6.57 18.07
N PHE B 135 -24.58 5.63 17.12
CA PHE B 135 -24.28 5.93 15.73
C PHE B 135 -25.49 5.70 14.82
N LYS B 136 -26.69 5.62 15.39
CA LYS B 136 -27.95 5.52 14.65
C LYS B 136 -27.86 4.46 13.55
N ILE B 137 -27.43 3.26 13.93
CA ILE B 137 -27.34 2.13 13.02
C ILE B 137 -28.67 1.38 13.09
N PRO B 138 -29.47 1.36 12.03
CA PRO B 138 -30.64 0.49 12.02
C PRO B 138 -30.22 -0.95 12.24
N VAL B 139 -30.94 -1.63 13.14
CA VAL B 139 -30.55 -3.00 13.49
C VAL B 139 -30.61 -3.91 12.27
N ASP B 140 -31.59 -3.67 11.39
CA ASP B 140 -31.68 -4.47 10.17
C ASP B 140 -30.51 -4.19 9.24
N THR B 141 -30.04 -2.95 9.19
CA THR B 141 -28.84 -2.64 8.42
C THR B 141 -27.62 -3.29 9.02
N LEU B 142 -27.53 -3.29 10.35
CA LEU B 142 -26.44 -3.97 11.03
C LEU B 142 -26.44 -5.46 10.71
N ILE B 143 -27.58 -6.13 10.87
CA ILE B 143 -27.66 -7.56 10.62
C ILE B 143 -27.41 -7.87 9.16
N THR B 144 -27.93 -7.04 8.25
CA THR B 144 -27.73 -7.26 6.82
C THR B 144 -26.24 -7.22 6.47
N TYR B 145 -25.53 -6.22 6.97
CA TYR B 145 -24.11 -6.12 6.67
C TYR B 145 -23.34 -7.28 7.30
N LEU B 146 -23.55 -7.53 8.58
CA LEU B 146 -22.83 -8.60 9.26
C LEU B 146 -23.02 -9.94 8.56
N MET B 147 -24.25 -10.21 8.11
CA MET B 147 -24.51 -11.45 7.39
C MET B 147 -23.72 -11.50 6.08
N THR B 148 -23.75 -10.42 5.31
CA THR B 148 -23.01 -10.38 4.06
C THR B 148 -21.51 -10.49 4.31
N LEU B 149 -21.01 -9.75 5.31
CA LEU B 149 -19.60 -9.84 5.67
C LEU B 149 -19.22 -11.26 6.03
N GLU B 150 -20.01 -11.90 6.90
CA GLU B 150 -19.73 -13.27 7.29
C GLU B 150 -19.77 -14.21 6.10
N ASP B 151 -20.66 -13.95 5.14
CA ASP B 151 -20.73 -14.76 3.93
C ASP B 151 -19.46 -14.70 3.11
N HIS B 152 -18.69 -13.62 3.22
CA HIS B 152 -17.46 -13.48 2.44
C HIS B 152 -16.25 -14.04 3.17
N TYR B 153 -16.42 -14.58 4.37
CA TYR B 153 -15.42 -15.48 4.95
C TYR B 153 -15.65 -16.89 4.42
N HIS B 154 -14.56 -17.56 4.04
CA HIS B 154 -14.67 -18.84 3.35
C HIS B 154 -14.98 -19.95 4.35
N ALA B 155 -16.09 -20.66 4.12
CA ALA B 155 -16.44 -21.76 5.00
C ALA B 155 -15.45 -22.92 4.90
N ASP B 156 -14.77 -23.05 3.76
CA ASP B 156 -13.86 -24.16 3.54
C ASP B 156 -12.41 -23.82 3.88
N VAL B 157 -12.18 -22.72 4.59
CA VAL B 157 -10.87 -22.36 5.09
C VAL B 157 -10.82 -22.68 6.58
N ALA B 158 -9.82 -23.47 6.99
CA ALA B 158 -9.87 -24.12 8.30
C ALA B 158 -9.67 -23.13 9.44
N TYR B 159 -8.80 -22.14 9.27
CA TYR B 159 -8.54 -21.16 10.32
C TYR B 159 -9.10 -19.79 9.99
N HIS B 160 -8.66 -19.17 8.89
CA HIS B 160 -9.02 -17.79 8.58
C HIS B 160 -10.44 -17.74 8.02
N ASN B 161 -11.40 -18.02 8.90
CA ASN B 161 -12.81 -18.02 8.54
C ASN B 161 -13.62 -17.15 9.49
N ASN B 162 -14.95 -17.30 9.46
CA ASN B 162 -15.81 -16.44 10.25
C ASN B 162 -15.63 -16.66 11.75
N ILE B 163 -15.22 -17.87 12.16
CA ILE B 163 -15.01 -18.13 13.58
C ILE B 163 -13.81 -17.35 14.10
N HIS B 164 -12.72 -17.30 13.31
CA HIS B 164 -11.57 -16.51 13.70
C HIS B 164 -11.89 -15.03 13.76
N ALA B 165 -12.69 -14.54 12.80
CA ALA B 165 -13.12 -13.15 12.83
C ALA B 165 -13.94 -12.84 14.07
N ALA B 166 -14.95 -13.69 14.34
CA ALA B 166 -15.73 -13.54 15.57
C ALA B 166 -14.83 -13.59 16.79
N ASP B 167 -13.82 -14.45 16.77
CA ASP B 167 -12.92 -14.58 17.91
C ASP B 167 -12.08 -13.32 18.10
N VAL B 168 -11.59 -12.73 17.01
CA VAL B 168 -10.80 -11.51 17.12
C VAL B 168 -11.67 -10.34 17.55
N VAL B 169 -12.91 -10.28 17.03
CA VAL B 169 -13.85 -9.25 17.46
C VAL B 169 -14.06 -9.29 18.97
N GLN B 170 -14.48 -10.45 19.48
CA GLN B 170 -14.77 -10.58 20.89
C GLN B 170 -13.53 -10.33 21.74
N SER B 171 -12.37 -10.78 21.24
CA SER B 171 -11.12 -10.56 21.98
C SER B 171 -10.78 -9.07 22.05
N THR B 172 -10.88 -8.37 20.92
CA THR B 172 -10.70 -6.92 20.93
C THR B 172 -11.70 -6.25 21.85
N HIS B 173 -12.94 -6.74 21.86
CA HIS B 173 -13.97 -6.20 22.75
C HIS B 173 -13.55 -6.27 24.21
N VAL B 174 -12.83 -7.32 24.59
CA VAL B 174 -12.39 -7.45 25.98
C VAL B 174 -11.23 -6.50 26.25
N LEU B 175 -10.19 -6.54 25.41
CA LEU B 175 -9.01 -5.71 25.63
C LEU B 175 -9.34 -4.22 25.59
N LEU B 176 -10.44 -3.82 24.95
CA LEU B 176 -10.85 -2.42 25.00
C LEU B 176 -11.31 -2.03 26.40
N SER B 177 -11.94 -2.96 27.12
CA SER B 177 -12.53 -2.68 28.43
C SER B 177 -11.58 -2.94 29.58
N THR B 178 -10.28 -3.11 29.31
CA THR B 178 -9.32 -3.23 30.40
C THR B 178 -9.33 -1.95 31.23
N PRO B 179 -9.27 -2.07 32.56
CA PRO B 179 -9.32 -0.86 33.41
C PRO B 179 -8.31 0.22 33.03
N ALA B 180 -7.10 -0.16 32.60
CA ALA B 180 -6.09 0.83 32.26
C ALA B 180 -6.34 1.53 30.94
N LEU B 181 -7.44 1.22 30.25
CA LEU B 181 -7.76 1.88 28.98
C LEU B 181 -9.24 2.22 28.84
N GLU B 182 -10.09 1.85 29.79
CA GLU B 182 -11.54 1.84 29.57
C GLU B 182 -12.30 2.94 30.32
N ALA B 183 -12.90 3.86 29.57
CA ALA B 183 -12.63 3.98 28.14
C ALA B 183 -11.67 5.14 27.96
N VAL B 184 -10.91 5.14 26.88
CA VAL B 184 -9.98 6.23 26.63
C VAL B 184 -9.85 6.37 25.11
N PHE B 185 -10.88 5.90 24.40
CA PHE B 185 -10.79 5.73 22.96
C PHE B 185 -11.96 6.30 22.17
N THR B 186 -12.82 7.13 22.78
CA THR B 186 -14.02 7.64 22.11
C THR B 186 -14.92 6.52 21.58
N ASP B 187 -16.18 6.83 21.26
CA ASP B 187 -17.03 5.81 20.67
C ASP B 187 -16.64 5.51 19.23
N LEU B 188 -15.86 6.39 18.60
CA LEU B 188 -15.48 6.22 17.20
C LEU B 188 -14.30 5.28 17.05
N GLU B 189 -13.24 5.48 17.85
CA GLU B 189 -12.09 4.58 17.78
C GLU B 189 -12.46 3.20 18.34
N ILE B 190 -13.41 3.13 19.26
CA ILE B 190 -13.92 1.84 19.71
C ILE B 190 -14.68 1.15 18.57
N LEU B 191 -15.53 1.91 17.87
CA LEU B 191 -16.17 1.38 16.68
C LEU B 191 -15.14 0.99 15.62
N ALA B 192 -14.01 1.69 15.59
CA ALA B 192 -12.97 1.39 14.63
C ALA B 192 -12.32 0.04 14.93
N ALA B 193 -11.86 -0.15 16.16
CA ALA B 193 -11.18 -1.40 16.51
C ALA B 193 -12.09 -2.60 16.33
N ILE B 194 -13.37 -2.45 16.62
CA ILE B 194 -14.31 -3.56 16.51
C ILE B 194 -14.61 -3.87 15.05
N PHE B 195 -15.01 -2.85 14.28
CA PHE B 195 -15.26 -3.04 12.85
C PHE B 195 -14.03 -3.58 12.15
N ALA B 196 -12.85 -3.03 12.46
CA ALA B 196 -11.62 -3.52 11.86
C ALA B 196 -11.38 -4.99 12.22
N SER B 197 -11.61 -5.36 13.48
CA SER B 197 -11.49 -6.76 13.87
C SER B 197 -12.42 -7.66 13.05
N ALA B 198 -13.61 -7.15 12.75
CA ALA B 198 -14.61 -7.99 12.07
C ALA B 198 -14.22 -8.28 10.63
N ILE B 199 -13.62 -7.30 9.95
CA ILE B 199 -13.30 -7.42 8.53
C ILE B 199 -11.85 -7.81 8.28
N HIS B 200 -11.05 -8.01 9.35
CA HIS B 200 -9.60 -7.99 9.20
C HIS B 200 -9.06 -9.18 8.41
N ASP B 201 -9.85 -10.23 8.20
CA ASP B 201 -9.41 -11.37 7.41
C ASP B 201 -10.43 -11.77 6.35
N VAL B 202 -11.35 -10.86 5.99
CA VAL B 202 -12.48 -11.25 5.16
C VAL B 202 -11.99 -11.66 3.77
N ASP B 203 -12.62 -12.72 3.23
CA ASP B 203 -12.29 -13.28 1.92
C ASP B 203 -10.87 -13.84 1.90
N HIS B 204 -10.41 -14.37 3.02
CA HIS B 204 -9.09 -14.97 3.09
C HIS B 204 -9.11 -16.29 2.33
N PRO B 205 -8.21 -16.49 1.35
CA PRO B 205 -8.21 -17.74 0.58
C PRO B 205 -7.50 -18.90 1.26
N GLY B 206 -6.98 -18.71 2.47
CA GLY B 206 -6.30 -19.78 3.18
C GLY B 206 -4.84 -19.97 2.81
N VAL B 207 -4.23 -19.01 2.11
CA VAL B 207 -2.82 -19.06 1.77
C VAL B 207 -2.18 -17.73 2.16
N SER B 208 -0.86 -17.78 2.33
CA SER B 208 -0.12 -16.63 2.84
C SER B 208 0.12 -15.60 1.74
N ASN B 209 0.50 -14.40 2.16
CA ASN B 209 0.94 -13.37 1.22
C ASN B 209 2.08 -13.88 0.34
N GLN B 210 3.03 -14.60 0.94
CA GLN B 210 4.19 -15.09 0.19
C GLN B 210 3.76 -16.09 -0.87
N PHE B 211 2.83 -16.99 -0.54
CA PHE B 211 2.29 -17.91 -1.54
C PHE B 211 1.63 -17.13 -2.67
N LEU B 212 0.81 -16.14 -2.33
CA LEU B 212 0.16 -15.32 -3.35
C LEU B 212 1.19 -14.61 -4.22
N ILE B 213 2.28 -14.12 -3.61
CA ILE B 213 3.34 -13.48 -4.38
C ILE B 213 4.01 -14.49 -5.30
N ASN B 214 4.34 -15.67 -4.77
CA ASN B 214 5.08 -16.66 -5.54
C ASN B 214 4.27 -17.28 -6.66
N THR B 215 2.95 -17.32 -6.56
CA THR B 215 2.10 -17.91 -7.58
C THR B 215 1.64 -16.90 -8.61
N ASN B 216 2.18 -15.68 -8.57
CA ASN B 216 1.77 -14.59 -9.46
C ASN B 216 0.25 -14.45 -9.46
N SER B 217 -0.31 -14.43 -8.26
CA SER B 217 -1.75 -14.32 -8.08
C SER B 217 -2.25 -12.98 -8.59
N GLU B 218 -3.55 -12.94 -8.91
CA GLU B 218 -4.18 -11.67 -9.24
C GLU B 218 -4.14 -10.71 -8.06
N LEU B 219 -4.23 -11.26 -6.84
CA LEU B 219 -4.18 -10.41 -5.65
C LEU B 219 -2.82 -9.74 -5.49
N ALA B 220 -1.74 -10.51 -5.65
CA ALA B 220 -0.41 -9.92 -5.56
C ALA B 220 -0.15 -8.94 -6.70
N LEU B 221 -0.71 -9.22 -7.89
CA LEU B 221 -0.59 -8.30 -9.01
C LEU B 221 -1.34 -7.01 -8.74
N MET B 222 -2.51 -7.10 -8.11
CA MET B 222 -3.29 -5.91 -7.79
C MET B 222 -2.57 -5.03 -6.78
N TYR B 223 -1.99 -5.63 -5.73
CA TYR B 223 -1.50 -4.89 -4.59
C TYR B 223 0.02 -4.81 -4.51
N ASN B 224 0.72 -5.15 -5.60
CA ASN B 224 2.16 -4.89 -5.72
C ASN B 224 2.95 -5.50 -4.57
N ASP B 225 2.55 -6.72 -4.16
CA ASP B 225 3.27 -7.58 -3.22
C ASP B 225 3.32 -7.03 -1.79
N SER B 226 2.64 -5.93 -1.50
CA SER B 226 2.71 -5.28 -0.19
C SER B 226 1.40 -5.48 0.55
N SER B 227 1.46 -6.19 1.68
CA SER B 227 0.30 -6.49 2.52
C SER B 227 -0.90 -6.88 1.66
N VAL B 228 -0.67 -7.86 0.79
CA VAL B 228 -1.63 -8.21 -0.26
C VAL B 228 -2.96 -8.64 0.36
N LEU B 229 -2.91 -9.58 1.30
CA LEU B 229 -4.13 -10.05 1.96
C LEU B 229 -4.81 -8.91 2.71
N GLU B 230 -4.03 -8.16 3.50
CA GLU B 230 -4.61 -7.16 4.39
C GLU B 230 -5.26 -6.02 3.61
N ASN B 231 -4.63 -5.59 2.50
CA ASN B 231 -5.28 -4.62 1.64
C ASN B 231 -6.58 -5.17 1.07
N HIS B 232 -6.59 -6.45 0.70
CA HIS B 232 -7.80 -7.06 0.15
C HIS B 232 -8.90 -7.16 1.19
N HIS B 233 -8.56 -7.56 2.42
CA HIS B 233 -9.54 -7.61 3.49
C HIS B 233 -10.22 -6.26 3.66
N LEU B 234 -9.43 -5.19 3.71
CA LEU B 234 -9.99 -3.85 3.83
C LEU B 234 -10.92 -3.52 2.67
N ALA B 235 -10.45 -3.77 1.44
CA ALA B 235 -11.24 -3.41 0.27
C ALA B 235 -12.57 -4.13 0.25
N VAL B 236 -12.58 -5.42 0.63
CA VAL B 236 -13.83 -6.17 0.66
C VAL B 236 -14.72 -5.68 1.79
N GLY B 237 -14.12 -5.48 2.98
CA GLY B 237 -14.91 -5.06 4.13
C GLY B 237 -15.61 -3.74 3.91
N PHE B 238 -14.94 -2.79 3.25
CA PHE B 238 -15.57 -1.51 2.93
C PHE B 238 -16.52 -1.64 1.76
N LYS B 239 -16.14 -2.42 0.73
CA LYS B 239 -16.97 -2.60 -0.45
C LYS B 239 -18.37 -3.08 -0.08
N LEU B 240 -18.46 -4.03 0.84
CA LEU B 240 -19.74 -4.63 1.19
C LEU B 240 -20.68 -3.64 1.86
N LEU B 241 -20.16 -2.50 2.36
CA LEU B 241 -21.03 -1.46 2.89
C LEU B 241 -21.94 -0.88 1.81
N GLN B 242 -21.55 -0.99 0.54
CA GLN B 242 -22.32 -0.42 -0.55
C GLN B 242 -23.45 -1.33 -1.03
N GLU B 243 -23.53 -2.56 -0.50
CA GLU B 243 -24.65 -3.43 -0.84
C GLU B 243 -25.93 -2.91 -0.18
N GLU B 244 -27.07 -3.33 -0.74
CA GLU B 244 -28.37 -2.80 -0.34
C GLU B 244 -28.61 -2.98 1.16
N ASN B 245 -28.88 -1.86 1.84
CA ASN B 245 -29.18 -1.84 3.27
C ASN B 245 -28.02 -2.38 4.11
N CYS B 246 -26.79 -2.12 3.66
CA CYS B 246 -25.61 -2.59 4.40
C CYS B 246 -24.75 -1.47 4.95
N ASP B 247 -25.03 -0.21 4.62
CA ASP B 247 -24.20 0.90 5.08
C ASP B 247 -24.54 1.19 6.55
N ILE B 248 -23.88 0.47 7.45
CA ILE B 248 -24.06 0.69 8.88
C ILE B 248 -23.48 2.01 9.35
N PHE B 249 -22.78 2.74 8.47
CA PHE B 249 -22.24 4.05 8.80
C PHE B 249 -23.03 5.19 8.16
N GLN B 250 -24.26 4.91 7.74
CA GLN B 250 -25.03 5.88 6.96
C GLN B 250 -25.33 7.15 7.74
N ASN B 251 -25.44 7.05 9.06
CA ASN B 251 -25.77 8.20 9.90
C ASN B 251 -24.57 8.74 10.66
N LEU B 252 -23.37 8.35 10.25
CA LEU B 252 -22.18 9.07 10.67
C LEU B 252 -21.98 10.29 9.80
N THR B 253 -21.48 11.36 10.40
CA THR B 253 -21.11 12.51 9.59
C THR B 253 -19.99 12.12 8.64
N LYS B 254 -19.85 12.92 7.60
CA LYS B 254 -18.82 12.63 6.61
C LYS B 254 -17.44 12.63 7.27
N LYS B 255 -17.19 13.57 8.20
CA LYS B 255 -15.90 13.61 8.90
C LYS B 255 -15.70 12.41 9.82
N GLN B 256 -16.78 11.91 10.44
CA GLN B 256 -16.67 10.66 11.21
C GLN B 256 -16.34 9.49 10.30
N ARG B 257 -17.01 9.41 9.14
CA ARG B 257 -16.73 8.34 8.20
C ARG B 257 -15.27 8.35 7.76
N GLN B 258 -14.71 9.53 7.50
CA GLN B 258 -13.31 9.62 7.08
C GLN B 258 -12.35 9.20 8.17
N SER B 259 -12.55 9.71 9.38
CA SER B 259 -11.67 9.34 10.48
C SER B 259 -11.76 7.84 10.76
N LEU B 260 -12.99 7.31 10.78
CA LEU B 260 -13.17 5.89 11.02
C LEU B 260 -12.48 5.06 9.93
N ARG B 261 -12.66 5.46 8.67
CA ARG B 261 -12.05 4.73 7.56
C ARG B 261 -10.54 4.66 7.71
N LYS B 262 -9.91 5.80 8.01
CA LYS B 262 -8.46 5.82 8.17
C LYS B 262 -8.01 4.92 9.32
N MET B 263 -8.71 4.98 10.45
CA MET B 263 -8.32 4.15 11.59
C MET B 263 -8.46 2.67 11.27
N VAL B 264 -9.55 2.29 10.61
CA VAL B 264 -9.73 0.88 10.23
C VAL B 264 -8.62 0.43 9.30
N ILE B 265 -8.27 1.27 8.32
CA ILE B 265 -7.17 0.95 7.42
C ILE B 265 -5.87 0.80 8.19
N ASP B 266 -5.56 1.77 9.05
CA ASP B 266 -4.33 1.70 9.84
C ASP B 266 -4.29 0.45 10.70
N ILE B 267 -5.44 0.06 11.26
CA ILE B 267 -5.48 -1.09 12.16
C ILE B 267 -5.29 -2.39 11.36
N VAL B 268 -6.08 -2.57 10.29
CA VAL B 268 -6.04 -3.83 9.56
C VAL B 268 -4.69 -4.05 8.90
N LEU B 269 -4.13 -2.99 8.29
CA LEU B 269 -2.82 -3.13 7.66
C LEU B 269 -1.76 -3.56 8.66
N ALA B 270 -1.95 -3.26 9.94
CA ALA B 270 -1.01 -3.65 10.98
C ALA B 270 -1.14 -5.11 11.40
N THR B 271 -2.16 -5.84 10.93
CA THR B 271 -2.25 -7.26 11.21
C THR B 271 -1.31 -8.09 10.35
N ASP B 272 -0.77 -7.50 9.28
CA ASP B 272 0.28 -8.15 8.49
C ASP B 272 1.45 -8.51 9.40
N MET B 273 1.76 -9.81 9.46
CA MET B 273 2.81 -10.28 10.37
C MET B 273 4.18 -9.72 10.02
N SER B 274 4.41 -9.31 8.78
CA SER B 274 5.67 -8.67 8.44
C SER B 274 5.85 -7.33 9.14
N LYS B 275 4.79 -6.78 9.73
CA LYS B 275 4.85 -5.56 10.50
C LYS B 275 5.05 -5.79 11.99
N HIS B 276 5.12 -7.07 12.42
CA HIS B 276 5.10 -7.38 13.84
C HIS B 276 6.25 -6.75 14.59
N MET B 277 7.47 -6.90 14.07
CA MET B 277 8.66 -6.49 14.81
C MET B 277 8.68 -4.97 15.03
N ASN B 278 8.39 -4.20 13.98
CA ASN B 278 8.32 -2.76 14.13
C ASN B 278 7.18 -2.35 15.05
N LEU B 279 6.04 -3.07 14.96
CA LEU B 279 4.92 -2.79 15.83
C LEU B 279 5.28 -3.02 17.29
N LEU B 280 5.96 -4.14 17.58
CA LEU B 280 6.33 -4.47 18.94
C LEU B 280 7.40 -3.52 19.48
N ALA B 281 8.38 -3.17 18.65
CA ALA B 281 9.40 -2.21 19.06
C ALA B 281 8.76 -0.90 19.47
N ASP B 282 7.75 -0.46 18.71
CA ASP B 282 7.06 0.78 19.03
C ASP B 282 6.18 0.63 20.27
N LEU B 283 5.62 -0.56 20.50
CA LEU B 283 4.90 -0.80 21.74
C LEU B 283 5.84 -0.77 22.95
N LYS B 284 7.05 -1.33 22.78
CA LYS B 284 8.04 -1.29 23.85
C LYS B 284 8.44 0.14 24.18
N THR B 285 8.76 0.94 23.15
CA THR B 285 9.09 2.34 23.35
C THR B 285 8.01 3.05 24.17
N MET B 286 6.74 2.78 23.87
CA MET B 286 5.66 3.44 24.58
C MET B 286 5.59 3.01 26.04
N VAL B 287 5.83 1.72 26.31
CA VAL B 287 5.83 1.25 27.69
C VAL B 287 6.94 1.92 28.49
N GLU B 288 8.07 2.19 27.86
CA GLU B 288 9.18 2.83 28.56
C GLU B 288 8.85 4.27 28.94
N THR B 289 8.15 4.99 28.06
CA THR B 289 7.76 6.37 28.30
C THR B 289 6.30 6.49 28.74
N LYS B 290 5.80 5.46 29.40
CA LYS B 290 4.39 5.36 29.76
C LYS B 290 4.00 6.43 30.78
N LYS B 291 2.73 6.84 30.72
CA LYS B 291 2.17 7.81 31.66
C LYS B 291 0.73 7.43 31.94
N VAL B 292 0.34 7.43 33.23
CA VAL B 292 -1.01 7.05 33.60
C VAL B 292 -1.56 8.01 34.65
N THR B 293 -2.90 8.02 34.73
CA THR B 293 -3.62 8.63 35.82
C THR B 293 -3.22 7.92 37.13
N SER B 294 -3.61 8.50 38.27
CA SER B 294 -3.57 7.77 39.53
C SER B 294 -4.76 6.85 39.67
N SER B 295 -5.92 7.24 39.12
CA SER B 295 -7.02 6.31 38.91
C SER B 295 -6.57 5.09 38.12
N GLY B 296 -5.50 5.23 37.32
CA GLY B 296 -4.85 4.12 36.65
C GLY B 296 -4.88 4.22 35.13
N VAL B 297 -5.82 4.99 34.59
CA VAL B 297 -6.04 5.03 33.15
C VAL B 297 -4.80 5.55 32.42
N LEU B 298 -4.46 4.89 31.32
CA LEU B 298 -3.30 5.27 30.53
C LEU B 298 -3.51 6.62 29.86
N LEU B 299 -2.44 7.40 29.77
CA LEU B 299 -2.49 8.77 29.26
C LEU B 299 -1.79 8.82 27.89
N LEU B 300 -2.59 8.81 26.83
CA LEU B 300 -2.12 8.96 25.46
C LEU B 300 -2.69 10.24 24.89
N ASP B 301 -1.83 11.12 24.37
CA ASP B 301 -2.29 12.43 23.94
C ASP B 301 -2.56 12.51 22.44
N ASN B 302 -1.62 12.08 21.60
CA ASN B 302 -1.75 12.26 20.16
C ASN B 302 -2.28 11.00 19.48
N TYR B 303 -2.82 11.20 18.28
CA TYR B 303 -3.35 10.09 17.51
C TYR B 303 -2.30 9.02 17.25
N SER B 304 -1.05 9.45 17.02
CA SER B 304 0.01 8.51 16.66
C SER B 304 0.16 7.42 17.71
N ASP B 305 0.03 7.76 18.98
CA ASP B 305 0.14 6.74 20.02
C ASP B 305 -1.16 5.99 20.21
N ARG B 306 -2.32 6.65 20.05
CA ARG B 306 -3.58 5.97 20.26
C ARG B 306 -3.88 4.94 19.17
N ILE B 307 -3.60 5.29 17.91
CA ILE B 307 -3.81 4.32 16.84
C ILE B 307 -2.85 3.15 16.98
N GLN B 308 -1.66 3.41 17.53
CA GLN B 308 -0.65 2.38 17.67
C GLN B 308 -1.00 1.41 18.79
N VAL B 309 -1.68 1.88 19.84
CA VAL B 309 -2.22 0.97 20.83
C VAL B 309 -3.36 0.15 20.25
N LEU B 310 -4.20 0.77 19.41
CA LEU B 310 -5.28 0.04 18.77
C LEU B 310 -4.75 -0.93 17.72
N GLN B 311 -3.64 -0.59 17.05
CA GLN B 311 -2.99 -1.54 16.15
C GLN B 311 -2.47 -2.75 16.91
N ASN B 312 -1.73 -2.50 18.00
CA ASN B 312 -1.20 -3.61 18.79
C ASN B 312 -2.30 -4.38 19.51
N MET B 313 -3.41 -3.71 19.84
CA MET B 313 -4.51 -4.39 20.51
C MET B 313 -5.14 -5.43 19.59
N VAL B 314 -5.54 -5.01 18.38
CA VAL B 314 -6.11 -5.95 17.43
C VAL B 314 -5.07 -6.98 17.01
N HIS B 315 -3.80 -6.57 16.93
CA HIS B 315 -2.72 -7.51 16.67
C HIS B 315 -2.64 -8.56 17.77
N CYS B 316 -2.74 -8.12 19.03
CA CYS B 316 -2.78 -9.06 20.14
C CYS B 316 -3.99 -9.98 20.04
N ALA B 317 -5.16 -9.43 19.73
CA ALA B 317 -6.35 -10.25 19.56
C ALA B 317 -6.18 -11.24 18.42
N ASP B 318 -5.51 -10.81 17.34
CA ASP B 318 -5.21 -11.72 16.25
C ASP B 318 -4.30 -12.85 16.72
N LEU B 319 -3.39 -12.56 17.64
CA LEU B 319 -2.44 -13.53 18.18
C LEU B 319 -2.80 -13.96 19.60
N SER B 320 -4.09 -14.15 19.87
CA SER B 320 -4.56 -14.44 21.22
C SER B 320 -4.89 -15.91 21.44
N ASN B 321 -4.84 -16.74 20.39
CA ASN B 321 -5.12 -18.17 20.56
C ASN B 321 -4.29 -18.82 21.68
N PRO B 322 -2.97 -18.64 21.75
CA PRO B 322 -2.22 -19.30 22.82
C PRO B 322 -2.49 -18.73 24.22
N THR B 323 -3.24 -17.64 24.34
CA THR B 323 -3.61 -17.09 25.64
C THR B 323 -4.98 -17.54 26.10
N LYS B 324 -5.73 -18.25 25.26
CA LYS B 324 -7.05 -18.72 25.63
C LYS B 324 -6.95 -20.02 26.41
N PRO B 325 -8.02 -20.45 27.06
CA PRO B 325 -8.03 -21.77 27.70
C PRO B 325 -7.61 -22.85 26.72
N LEU B 326 -6.92 -23.87 27.26
CA LEU B 326 -6.21 -24.83 26.43
C LEU B 326 -7.13 -25.54 25.44
N GLN B 327 -8.36 -25.85 25.85
CA GLN B 327 -9.26 -26.55 24.95
C GLN B 327 -9.62 -25.68 23.74
N LEU B 328 -9.67 -24.36 23.93
CA LEU B 328 -9.86 -23.46 22.79
C LEU B 328 -8.58 -23.35 21.97
N TYR B 329 -7.45 -23.14 22.65
CA TYR B 329 -6.15 -23.02 22.00
C TYR B 329 -5.87 -24.22 21.09
N ARG B 330 -6.13 -25.44 21.59
CA ARG B 330 -5.81 -26.62 20.82
C ARG B 330 -6.68 -26.75 19.57
N GLN B 331 -7.93 -26.27 19.63
CA GLN B 331 -8.75 -26.26 18.43
C GLN B 331 -8.23 -25.26 17.41
N TRP B 332 -7.72 -24.12 17.87
CA TRP B 332 -7.10 -23.16 16.95
C TRP B 332 -5.84 -23.74 16.33
N THR B 333 -5.06 -24.47 17.12
CA THR B 333 -3.85 -25.10 16.59
C THR B 333 -4.19 -26.12 15.51
N ASP B 334 -5.18 -26.98 15.79
CA ASP B 334 -5.65 -27.93 14.78
C ASP B 334 -6.03 -27.22 13.49
N ARG B 335 -6.74 -26.10 13.61
CA ARG B 335 -7.27 -25.43 12.42
C ARG B 335 -6.16 -24.76 11.63
N ILE B 336 -5.24 -24.07 12.31
CA ILE B 336 -4.16 -23.38 11.58
C ILE B 336 -3.21 -24.39 10.95
N MET B 337 -2.98 -25.53 11.62
CA MET B 337 -2.11 -26.55 11.04
C MET B 337 -2.77 -27.20 9.83
N GLU B 338 -4.09 -27.40 9.89
CA GLU B 338 -4.83 -27.91 8.75
C GLU B 338 -4.73 -26.95 7.57
N GLU B 339 -4.84 -25.64 7.83
CA GLU B 339 -4.73 -24.66 6.77
C GLU B 339 -3.33 -24.58 6.21
N PHE B 340 -2.32 -24.58 7.10
CA PHE B 340 -0.93 -24.61 6.64
C PHE B 340 -0.68 -25.84 5.78
N PHE B 341 -1.13 -27.02 6.24
CA PHE B 341 -0.84 -28.26 5.54
C PHE B 341 -1.44 -28.27 4.14
N ARG B 342 -2.64 -27.69 3.99
CA ARG B 342 -3.25 -27.66 2.67
C ARG B 342 -2.56 -26.66 1.76
N GLN B 343 -1.96 -25.62 2.32
CA GLN B 343 -1.10 -24.76 1.52
C GLN B 343 0.13 -25.53 1.04
N GLY B 344 0.76 -26.29 1.95
CA GLY B 344 1.88 -27.12 1.56
C GLY B 344 1.51 -28.16 0.52
N ASP B 345 0.27 -28.65 0.56
CA ASP B 345 -0.20 -29.56 -0.48
C ASP B 345 -0.27 -28.85 -1.83
N ARG B 346 -0.80 -27.63 -1.85
CA ARG B 346 -0.82 -26.86 -3.09
C ARG B 346 0.59 -26.52 -3.55
N GLU B 347 1.49 -26.25 -2.60
CA GLU B 347 2.87 -25.95 -2.96
C GLU B 347 3.59 -27.18 -3.52
N ARG B 348 3.29 -28.36 -3.00
CA ARG B 348 3.96 -29.56 -3.48
C ARG B 348 3.43 -30.00 -4.84
N GLU B 349 2.10 -29.92 -5.03
CA GLU B 349 1.51 -30.19 -6.34
C GLU B 349 2.17 -29.36 -7.43
N ARG B 350 2.38 -28.07 -7.16
CA ARG B 350 3.02 -27.15 -8.09
C ARG B 350 4.54 -27.26 -8.09
N GLY B 351 5.10 -28.13 -7.25
CA GLY B 351 6.54 -28.23 -7.16
C GLY B 351 7.18 -27.00 -6.56
N MET B 352 6.44 -26.23 -5.77
CA MET B 352 6.99 -25.08 -5.10
C MET B 352 7.71 -25.52 -3.83
N GLU B 353 8.58 -24.65 -3.34
CA GLU B 353 9.14 -24.84 -2.01
C GLU B 353 8.02 -24.81 -0.98
N ILE B 354 8.00 -25.80 -0.11
CA ILE B 354 6.97 -25.87 0.92
C ILE B 354 7.29 -24.86 2.01
N SER B 355 6.32 -23.99 2.31
CA SER B 355 6.50 -22.96 3.30
C SER B 355 6.74 -23.56 4.68
N PRO B 356 7.35 -22.81 5.60
CA PRO B 356 7.57 -23.33 6.95
C PRO B 356 6.27 -23.78 7.60
N MET B 357 6.34 -24.88 8.33
CA MET B 357 5.24 -25.47 9.09
C MET B 357 4.13 -26.01 8.20
N CYS B 358 4.28 -25.98 6.88
CA CYS B 358 3.21 -26.35 5.96
C CYS B 358 3.38 -27.74 5.36
N ASP B 359 4.40 -28.49 5.77
CA ASP B 359 4.66 -29.82 5.23
C ASP B 359 4.13 -30.85 6.24
N LYS B 360 3.02 -31.50 5.87
CA LYS B 360 2.38 -32.48 6.74
C LYS B 360 3.19 -33.76 6.87
N HIS B 361 4.23 -33.95 6.05
CA HIS B 361 5.13 -35.09 6.18
C HIS B 361 6.40 -34.75 6.93
N ASN B 362 6.49 -33.53 7.47
CA ASN B 362 7.70 -33.08 8.15
C ASN B 362 7.39 -31.94 9.10
N ALA B 363 6.38 -32.13 9.94
CA ALA B 363 5.93 -31.11 10.87
C ALA B 363 6.20 -31.53 12.30
N SER B 364 6.37 -30.53 13.17
CA SER B 364 6.34 -30.73 14.62
C SER B 364 5.37 -29.67 15.14
N VAL B 365 4.10 -30.06 15.21
CA VAL B 365 3.05 -29.13 15.63
C VAL B 365 3.36 -28.54 16.99
N GLU B 366 3.83 -29.37 17.92
CA GLU B 366 4.03 -28.91 19.29
C GLU B 366 5.24 -28.00 19.41
N LYS B 367 6.36 -28.38 18.77
CA LYS B 367 7.54 -27.53 18.78
C LYS B 367 7.25 -26.19 18.12
N SER B 368 6.43 -26.19 17.06
CA SER B 368 6.07 -24.94 16.40
C SER B 368 5.29 -24.03 17.34
N GLN B 369 4.36 -24.58 18.11
CA GLN B 369 3.58 -23.76 19.04
C GLN B 369 4.49 -23.15 20.11
N VAL B 370 5.42 -23.93 20.64
CA VAL B 370 6.34 -23.41 21.64
C VAL B 370 7.20 -22.31 21.04
N GLY B 371 7.75 -22.54 19.85
CA GLY B 371 8.52 -21.50 19.18
C GLY B 371 7.67 -20.27 18.87
N PHE B 372 6.45 -20.50 18.39
CA PHE B 372 5.51 -19.41 18.15
C PHE B 372 5.30 -18.57 19.41
N ILE B 373 5.08 -19.24 20.55
CA ILE B 373 4.90 -18.53 21.82
C ILE B 373 6.18 -17.82 22.22
N ASP B 374 7.31 -18.53 22.18
CA ASP B 374 8.55 -17.98 22.70
C ASP B 374 8.99 -16.73 21.93
N TYR B 375 8.82 -16.72 20.61
CA TYR B 375 9.41 -15.68 19.79
C TYR B 375 8.41 -14.64 19.30
N ILE B 376 7.11 -14.95 19.26
CA ILE B 376 6.13 -13.99 18.77
C ILE B 376 5.13 -13.64 19.87
N VAL B 377 4.42 -14.65 20.36
CA VAL B 377 3.22 -14.39 21.15
C VAL B 377 3.56 -13.88 22.54
N HIS B 378 4.52 -14.52 23.22
CA HIS B 378 4.84 -14.07 24.58
C HIS B 378 5.55 -12.72 24.59
N PRO B 379 6.55 -12.44 23.75
CA PRO B 379 7.11 -11.08 23.73
C PRO B 379 6.06 -10.02 23.50
N LEU B 380 5.10 -10.27 22.61
CA LEU B 380 4.04 -9.30 22.37
C LEU B 380 3.15 -9.14 23.59
N TRP B 381 2.69 -10.25 24.17
CA TRP B 381 1.77 -10.19 25.30
C TRP B 381 2.45 -9.79 26.60
N GLU B 382 3.76 -9.99 26.72
CA GLU B 382 4.48 -9.46 27.87
C GLU B 382 4.55 -7.94 27.80
N THR B 383 4.77 -7.40 26.61
CA THR B 383 4.80 -5.95 26.44
C THR B 383 3.42 -5.35 26.64
N TRP B 384 2.39 -5.99 26.10
CA TRP B 384 1.02 -5.50 26.29
C TRP B 384 0.63 -5.55 27.77
N ALA B 385 1.08 -6.58 28.49
CA ALA B 385 0.75 -6.69 29.90
C ALA B 385 1.39 -5.56 30.70
N ASP B 386 2.64 -5.20 30.38
CA ASP B 386 3.26 -4.04 30.99
C ASP B 386 2.43 -2.78 30.74
N LEU B 387 1.96 -2.60 29.51
CA LEU B 387 1.24 -1.38 29.15
C LEU B 387 -0.02 -1.21 29.98
N VAL B 388 -0.74 -2.30 30.23
CA VAL B 388 -2.00 -2.25 30.95
C VAL B 388 -1.88 -2.89 32.34
N HIS B 389 -0.66 -3.05 32.84
CA HIS B 389 -0.36 -3.60 34.17
C HIS B 389 -1.34 -3.13 35.24
N PRO B 390 -2.04 -4.06 35.91
CA PRO B 390 -1.97 -5.52 35.88
C PRO B 390 -3.12 -6.22 35.18
N ASP B 391 -3.84 -5.50 34.33
CA ASP B 391 -5.12 -5.98 33.83
C ASP B 391 -5.00 -7.22 32.95
N ALA B 392 -3.80 -7.55 32.47
CA ALA B 392 -3.62 -8.70 31.57
C ALA B 392 -2.92 -9.87 32.25
N GLN B 393 -2.84 -9.87 33.58
CA GLN B 393 -2.09 -10.93 34.26
C GLN B 393 -2.72 -12.29 34.02
N ASP B 394 -4.04 -12.40 34.13
CA ASP B 394 -4.71 -13.68 33.91
C ASP B 394 -4.52 -14.17 32.48
N ILE B 395 -4.56 -13.25 31.52
CA ILE B 395 -4.28 -13.61 30.13
C ILE B 395 -2.84 -14.12 30.00
N LEU B 396 -1.89 -13.37 30.54
CA LEU B 396 -0.49 -13.78 30.49
C LEU B 396 -0.27 -15.09 31.23
N ASP B 397 -0.97 -15.29 32.34
CA ASP B 397 -0.84 -16.53 33.09
C ASP B 397 -1.28 -17.73 32.26
N THR B 398 -2.42 -17.61 31.60
CA THR B 398 -2.91 -18.70 30.75
C THR B 398 -1.92 -19.03 29.64
N LEU B 399 -1.35 -17.99 29.01
CA LEU B 399 -0.37 -18.19 27.96
C LEU B 399 0.81 -19.02 28.44
N GLU B 400 1.34 -18.68 29.62
CA GLU B 400 2.50 -19.39 30.13
C GLU B 400 2.16 -20.81 30.58
N ASP B 401 0.94 -21.02 31.09
CA ASP B 401 0.49 -22.38 31.36
C ASP B 401 0.40 -23.20 30.08
N ASN B 402 -0.17 -22.61 29.02
CA ASN B 402 -0.32 -23.33 27.76
C ASN B 402 1.03 -23.62 27.12
N ARG B 403 1.97 -22.68 27.22
CA ARG B 403 3.32 -22.92 26.74
C ARG B 403 3.95 -24.09 27.47
N GLU B 404 3.82 -24.13 28.80
CA GLU B 404 4.36 -25.23 29.59
C GLU B 404 3.72 -26.55 29.20
N TRP B 405 2.40 -26.55 28.98
CA TRP B 405 1.73 -27.78 28.59
C TRP B 405 2.23 -28.29 27.24
N TYR B 406 2.28 -27.40 26.24
CA TYR B 406 2.74 -27.81 24.92
C TYR B 406 4.17 -28.32 24.96
N GLN B 407 5.03 -27.66 25.73
CA GLN B 407 6.40 -28.16 25.92
C GLN B 407 6.39 -29.57 26.47
N SER B 408 5.49 -29.85 27.43
CA SER B 408 5.47 -31.16 28.06
C SER B 408 5.00 -32.27 27.13
N THR B 409 4.31 -31.93 26.03
CA THR B 409 3.95 -32.92 25.04
C THR B 409 5.12 -33.32 24.14
N ILE B 410 6.26 -32.67 24.27
CA ILE B 410 7.44 -32.99 23.49
C ILE B 410 8.34 -33.95 24.28
ZN ZN C . 3.94 11.54 -13.90
MG MG D . 1.95 9.94 -11.27
C10 A1D8O E . 1.21 15.76 -8.77
C12 A1D8O E . 2.62 17.52 -11.51
C13 A1D8O E . 2.73 18.79 -12.24
C14 A1D8O E . 3.28 18.69 -13.52
C15 A1D8O E . 3.48 19.82 -14.30
C16 A1D8O E . 3.13 21.06 -13.81
O1 A1D8O E . 0.47 18.94 -9.65
C2 A1D8O E . 0.93 17.82 -9.59
C3 A1D8O E . 1.94 17.15 -10.42
C4 A1D8O E . 2.08 15.82 -9.85
C5 A1D8O E . 2.86 14.70 -10.13
C6 A1D8O E . 2.74 13.56 -9.34
C7 A1D8O E . 1.85 13.53 -8.27
O8 A1D8O E . 1.76 12.41 -7.51
C9 A1D8O E . 1.07 14.64 -7.98
O11 A1D8O E . 0.51 16.95 -8.61
O17 A1D8O E . 3.30 22.24 -14.49
C18 A1D8O E . 3.98 22.18 -15.74
C19 A1D8O E . 2.57 21.18 -12.53
O20 A1D8O E . 2.25 22.46 -12.14
C21 A1D8O E . 1.67 22.67 -10.85
C22 A1D8O E . 1.45 24.14 -10.69
C23 A1D8O E . 2.37 20.05 -11.75
ZN ZN F . -6.36 -12.82 11.61
MG MG G . -4.74 -11.56 8.61
C10 A1D8O H . 2.09 -16.58 10.71
C12 A1D8O H . -0.95 -17.32 12.52
C13 A1D8O H . -1.14 -18.35 13.53
C14 A1D8O H . -2.33 -18.47 14.25
C15 A1D8O H . -2.50 -19.45 15.21
C16 A1D8O H . -1.47 -20.34 15.47
O1 A1D8O H . -1.15 -16.18 9.86
C2 A1D8O H . -0.13 -16.44 10.43
C3 A1D8O H . 0.12 -17.02 11.76
C4 A1D8O H . 1.56 -17.08 11.89
C5 A1D8O H . 2.46 -17.51 12.88
C6 A1D8O H . 3.83 -17.40 12.67
C7 A1D8O H . 4.31 -16.89 11.47
O8 A1D8O H . 5.66 -16.78 11.27
C9 A1D8O H . 3.44 -16.46 10.47
O11 A1D8O H . 1.09 -16.19 9.84
O17 A1D8O H . -1.53 -21.35 16.38
C18 A1D8O H . -2.78 -21.55 17.06
C19 A1D8O H . -0.26 -20.23 14.76
O20 A1D8O H . 0.71 -21.15 15.07
C21 A1D8O H . 1.93 -21.12 14.32
C22 A1D8O H . 2.86 -22.09 14.92
C23 A1D8O H . -0.11 -19.26 13.81
#